data_6ICM
#
_entry.id   6ICM
#
_cell.length_a   118.265
_cell.length_b   118.265
_cell.length_c   455.692
_cell.angle_alpha   90.00
_cell.angle_beta   90.00
_cell.angle_gamma   120.00
#
_symmetry.space_group_name_H-M   'P 61 2 2'
#
loop_
_entity.id
_entity.type
_entity.pdbx_description
1 polymer 'Methylxanthine N1-demethylase NdmA'
2 polymer 'Oxidoreductase NdmD'
3 non-polymer 'FE2/S2 (INORGANIC) CLUSTER'
4 non-polymer 'FE (III) ION'
5 non-polymer 'TETRAETHYLENE GLYCOL'
6 water water
#
loop_
_entity_poly.entity_id
_entity_poly.type
_entity_poly.pdbx_seq_one_letter_code
_entity_poly.pdbx_strand_id
1 'polypeptide(L)'
;MGSSHHHHHHENLYFQGSMEQAIINDEREYLRHFWHPVCTVTELEKAHPSSLGPLAVKLLNEQLVVAKLGDEYVAMRDRC
AHRSAKLSLGTVSGNRLQCPYHGWQYDTHGACQLVPACPNSPIPNKAKVDRFDCEERYGLIWIRLDSSFDCTEIPYFSAA
NDPRLRIVIQEPYWWDATAERRWENFTDFSHFAFIHPGTLFDPNNAEPPIVPMDRFNGQFRFVYDTPEDMAVPNQAPIGS
FSYTCSMPFAINLEVSKYSSSSLHVLFNVSCPVDSHTTKNFLIFAREQSDDSDYLHIAFNDLVFAEDKPVIESQWPKDAP
ADEVSVVADKVSIQYRKWLRELKEAHKEGSQAFRSALLDPVIESDRSYI
;
A,B,C
2 'polypeptide(L)'
;EYEVELKKTGQIFTVSPGSTLLQACLDNDVRIEASCEQGVCGTCITPVVSGDLEHHDTYLSKKERESGKWIMPCVSRCKS
KKIVLDL
;
D
#
loop_
_chem_comp.id
_chem_comp.type
_chem_comp.name
_chem_comp.formula
FE non-polymer 'FE (III) ION' 'Fe 3'
FES non-polymer 'FE2/S2 (INORGANIC) CLUSTER' 'Fe2 S2'
PG4 non-polymer 'TETRAETHYLENE GLYCOL' 'C8 H18 O5'
#
# COMPACT_ATOMS: atom_id res chain seq x y z
N ASN A 25 -13.24 -4.90 -9.80
CA ASN A 25 -13.48 -3.64 -10.49
C ASN A 25 -14.99 -3.33 -10.49
N ASP A 26 -15.62 -3.40 -11.66
CA ASP A 26 -17.07 -3.22 -11.78
C ASP A 26 -17.83 -4.56 -11.81
N GLU A 27 -17.28 -5.63 -11.22
CA GLU A 27 -18.11 -6.79 -10.94
C GLU A 27 -19.01 -6.54 -9.74
N ARG A 28 -18.65 -5.59 -8.87
CA ARG A 28 -19.50 -5.13 -7.79
C ARG A 28 -20.34 -3.91 -8.17
N GLU A 29 -20.31 -3.49 -9.45
CA GLU A 29 -21.04 -2.29 -9.88
C GLU A 29 -22.52 -2.37 -9.52
N TYR A 30 -23.13 -3.55 -9.62
CA TYR A 30 -24.56 -3.64 -9.34
C TYR A 30 -24.88 -3.32 -7.89
N LEU A 31 -23.95 -3.57 -6.97
CA LEU A 31 -24.21 -3.31 -5.56
C LEU A 31 -24.45 -1.84 -5.28
N ARG A 32 -24.08 -0.95 -6.20
CA ARG A 32 -24.26 0.48 -5.96
C ARG A 32 -25.71 0.91 -6.03
N HIS A 33 -26.62 0.05 -6.48
CA HIS A 33 -28.02 0.40 -6.67
C HIS A 33 -28.84 0.17 -5.42
N PHE A 34 -28.28 -0.53 -4.45
CA PHE A 34 -28.93 -0.81 -3.19
C PHE A 34 -28.66 0.26 -2.13
N TRP A 35 -29.53 0.30 -1.12
CA TRP A 35 -29.29 1.13 0.04
C TRP A 35 -28.34 0.41 1.00
N HIS A 36 -27.29 1.10 1.41
CA HIS A 36 -26.36 0.46 2.32
C HIS A 36 -26.19 1.32 3.56
N PRO A 37 -25.98 0.70 4.72
CA PRO A 37 -25.79 1.47 5.94
C PRO A 37 -24.35 1.86 6.10
N VAL A 38 -24.05 3.12 6.39
CA VAL A 38 -22.67 3.54 6.54
C VAL A 38 -22.27 3.74 8.01
N CYS A 39 -23.19 4.14 8.88
CA CYS A 39 -22.87 4.42 10.28
C CYS A 39 -24.16 4.42 11.06
N THR A 40 -24.04 4.27 12.39
CA THR A 40 -25.16 4.56 13.26
C THR A 40 -25.33 6.06 13.39
N VAL A 41 -26.52 6.49 13.84
CA VAL A 41 -26.74 7.92 14.04
C VAL A 41 -25.82 8.45 15.13
N THR A 42 -25.64 7.69 16.22
CA THR A 42 -24.80 8.20 17.28
C THR A 42 -23.37 8.39 16.77
N GLU A 43 -22.89 7.47 15.91
CA GLU A 43 -21.55 7.61 15.37
C GLU A 43 -21.37 8.97 14.70
N LEU A 44 -22.39 9.42 13.97
CA LEU A 44 -22.31 10.72 13.31
C LEU A 44 -22.35 11.84 14.33
N GLU A 45 -23.27 11.76 15.29
CA GLU A 45 -23.34 12.78 16.34
C GLU A 45 -22.04 12.83 17.16
N LYS A 46 -21.44 11.67 17.45
CA LYS A 46 -20.21 11.60 18.22
C LYS A 46 -18.99 12.09 17.44
N ALA A 47 -19.06 12.21 16.12
CA ALA A 47 -17.84 12.29 15.31
C ALA A 47 -17.12 13.61 15.47
N HIS A 48 -17.82 14.69 15.83
CA HIS A 48 -17.32 16.07 15.83
C HIS A 48 -18.16 16.81 16.86
N PRO A 49 -17.58 17.72 17.64
CA PRO A 49 -18.31 18.19 18.84
C PRO A 49 -19.59 18.90 18.53
N SER A 50 -19.75 19.47 17.34
CA SER A 50 -21.01 20.14 17.04
C SER A 50 -22.22 19.20 17.08
N SER A 51 -22.00 17.88 17.04
CA SER A 51 -22.97 16.82 16.86
C SER A 51 -23.66 16.86 15.49
N LEU A 52 -23.23 17.74 14.61
CA LEU A 52 -23.75 17.75 13.25
C LEU A 52 -22.91 16.95 12.28
N GLY A 53 -21.83 16.33 12.74
CA GLY A 53 -20.83 15.81 11.84
C GLY A 53 -19.85 16.91 11.45
N PRO A 54 -19.10 16.72 10.34
CA PRO A 54 -19.12 15.63 9.39
C PRO A 54 -18.45 14.38 9.89
N LEU A 55 -18.69 13.26 9.20
CA LEU A 55 -18.11 11.95 9.50
C LEU A 55 -17.71 11.31 8.18
N ALA A 56 -16.52 10.76 8.12
CA ALA A 56 -16.11 10.10 6.89
C ALA A 56 -16.53 8.64 6.97
N VAL A 57 -16.87 8.08 5.80
CA VAL A 57 -17.35 6.72 5.69
C VAL A 57 -16.86 6.19 4.35
N LYS A 58 -16.56 4.89 4.30
CA LYS A 58 -16.18 4.21 3.05
C LYS A 58 -17.24 3.18 2.70
N LEU A 59 -17.82 3.32 1.50
CA LEU A 59 -18.85 2.43 0.99
C LEU A 59 -18.43 1.95 -0.40
N LEU A 60 -18.15 0.65 -0.52
CA LEU A 60 -17.75 0.04 -1.79
C LEU A 60 -16.58 0.80 -2.39
N ASN A 61 -15.53 0.95 -1.58
CA ASN A 61 -14.32 1.67 -1.96
C ASN A 61 -14.55 3.14 -2.32
N GLU A 62 -15.73 3.70 -2.03
CA GLU A 62 -15.96 5.12 -2.25
C GLU A 62 -15.76 5.87 -0.96
N GLN A 63 -15.09 7.02 -1.06
CA GLN A 63 -14.79 7.86 0.09
C GLN A 63 -15.86 8.94 0.16
N LEU A 64 -16.65 8.90 1.22
CA LEU A 64 -17.77 9.82 1.36
C LEU A 64 -17.73 10.51 2.72
N VAL A 65 -18.47 11.60 2.80
CA VAL A 65 -18.62 12.39 4.01
C VAL A 65 -20.12 12.52 4.27
N VAL A 66 -20.54 12.40 5.54
CA VAL A 66 -21.95 12.47 5.93
C VAL A 66 -22.14 13.57 6.96
N ALA A 67 -23.16 14.40 6.78
CA ALA A 67 -23.37 15.53 7.69
C ALA A 67 -24.84 15.88 7.78
N LYS A 68 -25.25 16.49 8.90
CA LYS A 68 -26.63 16.96 9.09
C LYS A 68 -26.71 18.44 8.69
N LEU A 69 -27.19 18.70 7.48
CA LEU A 69 -27.44 20.05 7.00
C LEU A 69 -28.91 20.35 7.19
N GLY A 70 -29.23 21.37 7.98
CA GLY A 70 -30.60 21.62 8.38
C GLY A 70 -31.30 20.36 8.85
N ASP A 71 -32.36 19.97 8.13
CA ASP A 71 -33.18 18.83 8.51
C ASP A 71 -32.77 17.53 7.82
N GLU A 72 -31.68 17.54 7.09
CA GLU A 72 -31.35 16.47 6.18
C GLU A 72 -30.03 15.80 6.61
N TYR A 73 -29.97 14.48 6.54
CA TYR A 73 -28.68 13.80 6.54
C TYR A 73 -28.18 13.80 5.09
N VAL A 74 -27.07 14.49 4.85
CA VAL A 74 -26.52 14.68 3.51
C VAL A 74 -25.28 13.83 3.35
N ALA A 75 -25.11 13.22 2.17
CA ALA A 75 -23.92 12.45 1.84
C ALA A 75 -23.31 12.99 0.56
N MET A 76 -22.02 13.36 0.61
CA MET A 76 -21.26 13.84 -0.53
C MET A 76 -20.00 13.02 -0.68
N ARG A 77 -19.36 13.10 -1.86
CA ARG A 77 -18.02 12.56 -1.97
C ARG A 77 -17.10 13.38 -1.09
N ASP A 78 -16.25 12.72 -0.30
CA ASP A 78 -15.36 13.39 0.67
C ASP A 78 -14.15 14.01 -0.04
N ARG A 79 -14.43 14.91 -0.98
CA ARG A 79 -13.38 15.47 -1.81
C ARG A 79 -13.84 16.81 -2.37
N CYS A 80 -13.23 17.88 -1.88
CA CYS A 80 -13.59 19.24 -2.28
C CYS A 80 -13.33 19.47 -3.77
N ALA A 81 -14.16 20.31 -4.39
CA ALA A 81 -14.02 20.54 -5.82
C ALA A 81 -12.91 21.54 -6.16
N HIS A 82 -12.47 22.32 -5.18
CA HIS A 82 -11.39 23.29 -5.34
C HIS A 82 -10.03 22.65 -5.49
N ARG A 83 -9.51 22.09 -4.39
CA ARG A 83 -8.16 21.55 -4.39
C ARG A 83 -8.11 20.19 -3.70
N SER A 84 -9.27 19.56 -3.47
CA SER A 84 -9.42 18.11 -3.20
C SER A 84 -9.16 17.72 -1.75
N ALA A 85 -9.25 18.66 -0.81
CA ALA A 85 -9.20 18.30 0.60
C ALA A 85 -10.37 17.39 0.97
N LYS A 86 -10.22 16.64 2.05
CA LYS A 86 -11.34 15.86 2.53
C LYS A 86 -12.30 16.80 3.28
N LEU A 87 -13.55 16.85 2.85
CA LEU A 87 -14.51 17.67 3.58
C LEU A 87 -14.78 17.11 4.96
N SER A 88 -14.45 15.83 5.22
CA SER A 88 -14.68 15.29 6.55
C SER A 88 -13.87 16.03 7.62
N LEU A 89 -12.72 16.59 7.26
CA LEU A 89 -11.96 17.45 8.15
C LEU A 89 -12.60 18.83 8.34
N GLY A 90 -13.66 19.16 7.59
CA GLY A 90 -14.28 20.47 7.66
C GLY A 90 -15.29 20.53 8.78
N THR A 91 -16.11 21.58 8.74
CA THR A 91 -17.11 21.84 9.77
C THR A 91 -18.44 22.26 9.15
N VAL A 92 -19.53 21.90 9.83
CA VAL A 92 -20.86 22.28 9.38
C VAL A 92 -21.15 23.73 9.81
N SER A 93 -21.45 24.59 8.86
CA SER A 93 -21.73 26.00 9.13
C SER A 93 -23.08 26.34 8.50
N GLY A 94 -24.07 26.64 9.33
CA GLY A 94 -25.41 26.85 8.80
C GLY A 94 -25.99 25.55 8.27
N ASN A 95 -26.52 25.59 7.05
CA ASN A 95 -27.04 24.39 6.42
C ASN A 95 -26.07 23.86 5.36
N ARG A 96 -24.81 24.25 5.46
CA ARG A 96 -23.80 23.83 4.51
C ARG A 96 -22.64 23.14 5.22
N LEU A 97 -21.84 22.45 4.42
CA LEU A 97 -20.64 21.80 4.88
C LEU A 97 -19.48 22.63 4.37
N GLN A 98 -18.66 23.13 5.28
CA GLN A 98 -17.57 24.03 4.94
C GLN A 98 -16.24 23.28 4.90
N CYS A 99 -15.53 23.41 3.77
CA CYS A 99 -14.26 22.75 3.57
C CYS A 99 -13.21 23.26 4.57
N PRO A 100 -12.30 22.38 5.02
CA PRO A 100 -11.26 22.82 5.95
C PRO A 100 -10.22 23.72 5.34
N TYR A 101 -10.01 23.69 4.03
CA TYR A 101 -8.82 24.32 3.45
C TYR A 101 -9.03 25.80 3.14
N HIS A 102 -9.98 26.13 2.28
CA HIS A 102 -10.29 27.52 1.94
C HIS A 102 -11.74 27.87 2.24
N GLY A 103 -12.47 26.98 2.91
CA GLY A 103 -13.80 27.27 3.37
C GLY A 103 -14.84 27.52 2.31
N TRP A 104 -14.77 26.80 1.18
CA TRP A 104 -15.94 26.71 0.32
C TRP A 104 -17.05 26.02 1.08
N GLN A 105 -18.29 26.47 0.87
CA GLN A 105 -19.42 25.83 1.55
C GLN A 105 -20.41 25.20 0.56
N TYR A 106 -20.82 23.97 0.86
CA TYR A 106 -21.65 23.15 -0.01
C TYR A 106 -23.03 22.96 0.60
N ASP A 107 -24.07 23.14 -0.20
CA ASP A 107 -25.45 23.02 0.26
C ASP A 107 -25.91 21.56 0.15
N THR A 108 -27.19 21.30 0.44
CA THR A 108 -27.72 19.94 0.42
C THR A 108 -27.66 19.28 -0.96
N HIS A 109 -27.42 20.06 -2.02
CA HIS A 109 -27.23 19.55 -3.37
C HIS A 109 -25.77 19.42 -3.78
N GLY A 110 -24.83 19.62 -2.85
CA GLY A 110 -23.44 19.49 -3.23
C GLY A 110 -22.91 20.62 -4.07
N ALA A 111 -23.65 21.72 -4.16
CA ALA A 111 -23.23 22.88 -4.90
C ALA A 111 -22.54 23.87 -3.97
N CYS A 112 -21.40 24.41 -4.41
CA CYS A 112 -20.77 25.46 -3.61
C CYS A 112 -21.64 26.69 -3.63
N GLN A 113 -21.88 27.27 -2.46
CA GLN A 113 -22.64 28.51 -2.36
C GLN A 113 -21.85 29.68 -1.81
N LEU A 114 -20.55 29.50 -1.55
CA LEU A 114 -19.72 30.59 -1.02
C LEU A 114 -18.26 30.27 -1.27
N VAL A 115 -17.55 31.20 -1.92
CA VAL A 115 -16.11 31.11 -2.11
C VAL A 115 -15.50 32.28 -1.33
N PRO A 116 -15.05 32.05 -0.09
CA PRO A 116 -14.60 33.16 0.76
C PRO A 116 -13.54 34.06 0.16
N ALA A 117 -12.75 33.59 -0.80
CA ALA A 117 -11.65 34.39 -1.31
C ALA A 117 -12.11 35.46 -2.30
N CYS A 118 -13.17 35.19 -3.06
CA CYS A 118 -13.71 36.15 -4.03
C CYS A 118 -15.20 36.20 -3.80
N PRO A 119 -15.64 36.87 -2.73
CA PRO A 119 -17.06 36.87 -2.42
C PRO A 119 -17.85 37.67 -3.44
N ASN A 120 -17.18 38.66 -4.07
CA ASN A 120 -17.77 39.44 -5.15
C ASN A 120 -17.32 38.92 -6.51
N SER A 121 -17.28 37.61 -6.68
CA SER A 121 -17.07 36.98 -7.97
C SER A 121 -18.06 35.85 -8.09
N PRO A 122 -18.43 35.48 -9.32
CA PRO A 122 -19.43 34.43 -9.49
C PRO A 122 -18.80 33.05 -9.31
N ILE A 123 -19.55 32.15 -8.70
CA ILE A 123 -19.03 30.82 -8.38
C ILE A 123 -19.01 29.99 -9.67
N PRO A 124 -17.91 29.30 -9.96
CA PRO A 124 -17.86 28.47 -11.16
C PRO A 124 -18.95 27.41 -11.17
N ASN A 125 -19.45 27.10 -12.35
CA ASN A 125 -20.53 26.14 -12.38
C ASN A 125 -20.04 24.75 -12.01
N LYS A 126 -18.79 24.43 -12.35
CA LYS A 126 -18.24 23.13 -11.98
C LYS A 126 -17.85 23.04 -10.51
N ALA A 127 -18.04 24.14 -9.75
CA ALA A 127 -17.77 24.17 -8.31
C ALA A 127 -18.80 23.38 -7.52
N LYS A 128 -18.81 22.06 -7.69
CA LYS A 128 -19.81 21.22 -7.03
C LYS A 128 -19.21 19.83 -6.82
N VAL A 129 -19.77 19.11 -5.86
CA VAL A 129 -19.33 17.75 -5.60
C VAL A 129 -20.53 16.81 -5.66
N ASP A 130 -20.24 15.56 -5.99
CA ASP A 130 -21.29 14.56 -6.11
C ASP A 130 -22.01 14.34 -4.79
N ARG A 131 -23.31 14.28 -4.86
CA ARG A 131 -24.21 14.17 -3.73
C ARG A 131 -24.93 12.83 -3.90
N PHE A 132 -25.39 12.23 -2.79
CA PHE A 132 -25.98 10.91 -2.92
C PHE A 132 -27.23 10.82 -2.08
N ASP A 133 -28.14 9.94 -2.53
CA ASP A 133 -29.33 9.58 -1.78
C ASP A 133 -28.91 9.12 -0.41
N CYS A 134 -29.42 9.81 0.60
CA CYS A 134 -29.01 9.60 1.98
C CYS A 134 -30.24 9.79 2.84
N GLU A 135 -30.55 8.79 3.66
CA GLU A 135 -31.76 8.76 4.44
C GLU A 135 -31.49 8.05 5.75
N GLU A 136 -32.06 8.56 6.83
CA GLU A 136 -31.95 7.89 8.12
C GLU A 136 -33.14 6.94 8.32
N ARG A 137 -32.86 5.77 8.89
CA ARG A 137 -33.92 4.87 9.29
C ARG A 137 -33.35 3.90 10.32
N TYR A 138 -34.16 3.55 11.31
CA TYR A 138 -33.86 2.57 12.35
C TYR A 138 -32.70 2.97 13.24
N GLY A 139 -32.23 4.21 13.14
CA GLY A 139 -31.04 4.65 13.83
C GLY A 139 -29.76 4.51 13.04
N LEU A 140 -29.85 4.14 11.77
CA LEU A 140 -28.68 4.06 10.92
C LEU A 140 -28.83 5.06 9.77
N ILE A 141 -27.71 5.40 9.15
CA ILE A 141 -27.70 6.28 7.99
C ILE A 141 -27.44 5.43 6.76
N TRP A 142 -28.32 5.53 5.75
CA TRP A 142 -28.22 4.73 4.53
C TRP A 142 -27.88 5.59 3.34
N ILE A 143 -27.01 5.06 2.47
CA ILE A 143 -26.62 5.74 1.25
C ILE A 143 -26.90 4.84 0.05
N ARG A 144 -27.43 5.43 -1.03
CA ARG A 144 -27.59 4.75 -2.31
C ARG A 144 -26.73 5.46 -3.37
N LEU A 145 -25.66 4.78 -3.82
CA LEU A 145 -24.70 5.45 -4.69
C LEU A 145 -25.25 5.70 -6.08
N ASP A 146 -26.07 4.77 -6.58
CA ASP A 146 -26.66 4.87 -7.91
C ASP A 146 -28.17 4.82 -7.76
N SER A 147 -28.85 5.89 -8.17
CA SER A 147 -30.31 5.93 -8.11
C SER A 147 -30.97 5.77 -9.46
N SER A 148 -30.22 5.39 -10.49
CA SER A 148 -30.79 5.47 -11.83
C SER A 148 -31.89 4.43 -12.05
N PHE A 149 -31.74 3.21 -11.53
CA PHE A 149 -32.76 2.17 -11.68
C PHE A 149 -33.99 2.39 -10.82
N ASP A 150 -33.95 3.34 -9.90
CA ASP A 150 -35.06 3.75 -9.04
C ASP A 150 -36.01 2.60 -8.70
N CYS A 151 -35.48 1.62 -7.97
CA CYS A 151 -36.32 0.47 -7.66
C CYS A 151 -35.87 -0.28 -6.42
N THR A 152 -34.98 0.27 -5.61
CA THR A 152 -34.48 -0.37 -4.40
C THR A 152 -34.97 0.41 -3.19
N GLU A 153 -35.12 -0.28 -2.06
CA GLU A 153 -35.57 0.38 -0.85
C GLU A 153 -34.76 -0.08 0.35
N ILE A 154 -34.77 0.74 1.38
CA ILE A 154 -33.99 0.44 2.59
C ILE A 154 -34.49 -0.86 3.20
N PRO A 155 -33.60 -1.83 3.51
CA PRO A 155 -34.02 -3.11 4.11
C PRO A 155 -35.15 -3.05 5.13
N TYR A 156 -35.79 -4.18 5.39
CA TYR A 156 -36.98 -4.18 6.23
C TYR A 156 -36.61 -4.66 7.63
N PHE A 157 -36.94 -3.85 8.62
CA PHE A 157 -36.73 -4.19 10.01
C PHE A 157 -38.11 -4.40 10.62
N SER A 158 -38.38 -5.62 11.10
CA SER A 158 -39.75 -5.98 11.47
C SER A 158 -40.20 -5.30 12.75
N ALA A 159 -39.27 -4.90 13.62
CA ALA A 159 -39.61 -4.47 14.97
C ALA A 159 -39.64 -2.96 15.14
N ALA A 160 -39.33 -2.20 14.10
CA ALA A 160 -39.59 -0.77 14.14
C ALA A 160 -41.07 -0.54 14.41
N ASN A 161 -41.38 0.55 15.11
CA ASN A 161 -42.76 0.99 15.29
C ASN A 161 -43.57 0.11 16.25
N ASP A 162 -43.32 -1.21 16.25
CA ASP A 162 -44.00 -2.12 17.18
C ASP A 162 -43.70 -1.68 18.60
N PRO A 163 -44.68 -1.07 19.29
CA PRO A 163 -44.40 -0.43 20.57
C PRO A 163 -44.28 -1.42 21.72
N ARG A 164 -44.53 -2.70 21.47
CA ARG A 164 -44.36 -3.71 22.51
C ARG A 164 -42.91 -4.11 22.73
N LEU A 165 -42.00 -3.67 21.87
CA LEU A 165 -40.62 -4.15 21.87
C LEU A 165 -39.60 -3.07 22.19
N ARG A 166 -38.53 -3.49 22.84
CA ARG A 166 -37.42 -2.62 23.21
C ARG A 166 -36.27 -2.84 22.25
N ILE A 167 -35.94 -1.82 21.50
CA ILE A 167 -34.92 -1.88 20.45
C ILE A 167 -33.57 -1.43 21.02
N VAL A 168 -32.49 -2.12 20.65
CA VAL A 168 -31.13 -1.75 21.04
C VAL A 168 -30.28 -1.70 19.78
N ILE A 169 -29.44 -0.67 19.65
CA ILE A 169 -28.52 -0.53 18.51
C ILE A 169 -27.10 -0.74 19.02
N GLN A 170 -26.55 -1.93 18.80
CA GLN A 170 -25.16 -2.20 19.15
C GLN A 170 -24.20 -1.27 18.40
N GLU A 171 -22.97 -1.19 18.90
CA GLU A 171 -21.95 -0.49 18.15
C GLU A 171 -21.57 -1.31 16.91
N PRO A 172 -21.24 -0.64 15.80
CA PRO A 172 -20.76 -1.37 14.62
C PRO A 172 -19.57 -2.24 14.99
N TYR A 173 -19.55 -3.45 14.46
CA TYR A 173 -18.45 -4.38 14.61
C TYR A 173 -17.85 -4.71 13.24
N TRP A 174 -16.53 -4.66 13.14
CA TRP A 174 -15.82 -4.80 11.86
C TRP A 174 -15.22 -6.19 11.72
N TRP A 175 -15.31 -6.74 10.50
CA TRP A 175 -14.78 -8.06 10.16
C TRP A 175 -13.93 -7.95 8.89
N ASP A 176 -12.79 -8.64 8.89
CA ASP A 176 -11.96 -8.75 7.70
C ASP A 176 -12.55 -9.84 6.82
N ALA A 177 -13.70 -9.51 6.23
CA ALA A 177 -14.53 -10.47 5.54
C ALA A 177 -15.57 -9.70 4.74
N THR A 178 -16.03 -10.30 3.64
CA THR A 178 -16.91 -9.61 2.72
C THR A 178 -18.35 -9.69 3.20
N ALA A 179 -19.17 -8.77 2.69
CA ALA A 179 -20.59 -8.76 3.06
C ALA A 179 -21.28 -10.06 2.67
N GLU A 180 -20.94 -10.62 1.49
CA GLU A 180 -21.54 -11.88 1.07
C GLU A 180 -21.22 -13.01 2.06
N ARG A 181 -19.97 -13.12 2.50
CA ARG A 181 -19.64 -14.20 3.42
C ARG A 181 -20.19 -13.96 4.81
N ARG A 182 -20.33 -12.69 5.22
CA ARG A 182 -20.94 -12.41 6.51
C ARG A 182 -22.40 -12.84 6.51
N TRP A 183 -23.10 -12.50 5.43
CA TRP A 183 -24.49 -12.91 5.29
C TRP A 183 -24.62 -14.42 5.33
N GLU A 184 -23.76 -15.12 4.59
CA GLU A 184 -23.90 -16.55 4.53
C GLU A 184 -23.63 -17.20 5.87
N ASN A 185 -22.79 -16.60 6.69
CA ASN A 185 -22.54 -17.14 8.02
C ASN A 185 -23.77 -16.98 8.92
N PHE A 186 -24.54 -15.90 8.73
CA PHE A 186 -25.61 -15.55 9.64
C PHE A 186 -26.83 -16.43 9.42
N THR A 187 -27.15 -16.73 8.15
CA THR A 187 -28.24 -17.62 7.77
C THR A 187 -27.80 -19.09 7.72
N ASP A 188 -26.55 -19.39 8.00
CA ASP A 188 -26.08 -20.77 7.98
C ASP A 188 -26.58 -21.55 9.19
N PHE A 189 -27.09 -22.75 8.92
CA PHE A 189 -27.60 -23.67 9.94
C PHE A 189 -26.60 -24.77 10.32
N SER A 190 -25.55 -24.95 9.53
CA SER A 190 -24.69 -26.12 9.68
C SER A 190 -23.53 -25.91 10.63
N HIS A 191 -23.25 -24.68 11.03
CA HIS A 191 -22.05 -24.42 11.84
C HIS A 191 -22.31 -24.43 13.35
N PHE A 192 -23.57 -24.54 13.79
CA PHE A 192 -23.86 -24.38 15.21
C PHE A 192 -23.11 -25.39 16.04
N ALA A 193 -23.08 -26.65 15.59
CA ALA A 193 -22.42 -27.71 16.36
C ALA A 193 -20.92 -27.48 16.53
N PHE A 194 -20.29 -26.67 15.70
CA PHE A 194 -18.83 -26.60 15.70
C PHE A 194 -18.30 -25.25 16.14
N ILE A 195 -18.85 -24.16 15.63
CA ILE A 195 -18.33 -22.86 16.01
C ILE A 195 -18.98 -22.39 17.32
N HIS A 196 -20.28 -22.67 17.49
CA HIS A 196 -21.02 -22.27 18.68
C HIS A 196 -21.52 -23.47 19.47
N PRO A 197 -20.65 -24.41 19.86
CA PRO A 197 -21.18 -25.63 20.50
C PRO A 197 -21.83 -25.35 21.83
N GLY A 198 -21.19 -24.55 22.69
CA GLY A 198 -21.73 -24.25 23.99
C GLY A 198 -22.64 -23.03 24.08
N THR A 199 -23.07 -22.44 22.96
CA THR A 199 -23.88 -21.23 23.01
C THR A 199 -25.10 -21.27 22.11
N LEU A 200 -25.11 -22.05 21.02
CA LEU A 200 -26.26 -22.12 20.11
C LEU A 200 -26.62 -23.52 19.63
N PHE A 201 -25.85 -24.54 20.00
CA PHE A 201 -26.09 -25.91 19.53
C PHE A 201 -27.20 -26.55 20.33
N ASP A 202 -28.12 -27.21 19.66
CA ASP A 202 -29.18 -27.98 20.29
C ASP A 202 -28.87 -29.44 20.08
N PRO A 203 -28.50 -30.20 21.12
CA PRO A 203 -27.98 -31.56 20.89
C PRO A 203 -28.87 -32.44 20.02
N ASN A 204 -30.16 -32.53 20.34
CA ASN A 204 -31.09 -33.34 19.55
C ASN A 204 -31.82 -32.53 18.48
N ASN A 205 -31.17 -31.49 17.96
CA ASN A 205 -31.51 -30.84 16.70
C ASN A 205 -30.20 -30.59 15.94
N ALA A 206 -29.41 -31.66 15.77
CA ALA A 206 -28.02 -31.51 15.34
C ALA A 206 -27.84 -31.48 13.83
N GLU A 207 -28.86 -31.83 13.05
CA GLU A 207 -28.76 -31.89 11.59
C GLU A 207 -29.73 -30.90 10.96
N PRO A 208 -29.27 -30.05 10.04
CA PRO A 208 -30.08 -28.89 9.62
C PRO A 208 -31.12 -29.29 8.58
N PRO A 209 -32.29 -28.67 8.64
CA PRO A 209 -33.33 -28.97 7.65
C PRO A 209 -33.07 -28.26 6.33
N ILE A 210 -33.61 -28.80 5.30
CA ILE A 210 -33.71 -28.09 4.04
C ILE A 210 -35.07 -27.39 4.06
N VAL A 211 -35.14 -26.16 3.57
CA VAL A 211 -36.36 -25.38 3.84
C VAL A 211 -36.86 -24.74 2.55
N PRO A 212 -38.15 -24.46 2.46
CA PRO A 212 -38.64 -23.66 1.34
C PRO A 212 -38.15 -22.23 1.47
N MET A 213 -37.74 -21.65 0.36
CA MET A 213 -37.28 -20.27 0.35
C MET A 213 -38.01 -19.52 -0.77
N ASP A 214 -38.73 -18.47 -0.41
CA ASP A 214 -39.47 -17.67 -1.38
C ASP A 214 -38.74 -16.37 -1.64
N ARG A 215 -38.87 -15.86 -2.85
CA ARG A 215 -38.52 -14.48 -3.14
C ARG A 215 -39.79 -13.63 -3.11
N PHE A 216 -39.88 -12.69 -2.18
CA PHE A 216 -40.97 -11.72 -2.22
C PHE A 216 -40.43 -10.31 -2.05
N ASN A 217 -40.94 -9.39 -2.86
CA ASN A 217 -40.65 -7.95 -2.74
C ASN A 217 -39.16 -7.66 -2.64
N GLY A 218 -38.36 -8.43 -3.39
CA GLY A 218 -36.93 -8.30 -3.27
C GLY A 218 -36.33 -8.84 -2.00
N GLN A 219 -37.04 -9.71 -1.28
CA GLN A 219 -36.55 -10.32 -0.05
C GLN A 219 -36.58 -11.83 -0.16
N PHE A 220 -35.64 -12.49 0.52
CA PHE A 220 -35.74 -13.92 0.77
C PHE A 220 -36.54 -14.14 2.03
N ARG A 221 -37.46 -15.12 2.00
CA ARG A 221 -38.25 -15.46 3.19
C ARG A 221 -38.23 -16.97 3.41
N PHE A 222 -37.98 -17.38 4.65
CA PHE A 222 -38.00 -18.79 5.02
C PHE A 222 -38.07 -18.92 6.53
N VAL A 223 -38.58 -20.06 7.00
CA VAL A 223 -38.76 -20.32 8.43
C VAL A 223 -38.17 -21.69 8.78
N TYR A 224 -38.18 -22.01 10.08
CA TYR A 224 -37.46 -23.17 10.60
C TYR A 224 -37.97 -23.43 12.02
N ASP A 225 -38.38 -24.67 12.32
CA ASP A 225 -38.85 -24.99 13.67
C ASP A 225 -38.27 -26.28 14.23
N SER A 240 -40.04 -20.85 16.77
CA SER A 240 -39.69 -20.85 15.36
C SER A 240 -38.72 -19.71 15.01
N PHE A 241 -38.16 -19.78 13.80
CA PHE A 241 -37.15 -18.83 13.32
C PHE A 241 -37.58 -18.36 11.93
N SER A 242 -37.97 -17.09 11.81
CA SER A 242 -38.56 -16.57 10.58
C SER A 242 -37.65 -15.48 9.96
N TYR A 243 -36.92 -15.84 8.90
CA TYR A 243 -35.98 -14.95 8.24
C TYR A 243 -36.64 -14.10 7.14
N THR A 244 -36.37 -12.80 7.17
CA THR A 244 -36.79 -11.86 6.12
C THR A 244 -35.56 -11.07 5.70
N CYS A 245 -34.93 -11.48 4.61
CA CYS A 245 -33.62 -10.99 4.22
C CYS A 245 -33.80 -10.08 3.02
N SER A 246 -33.84 -8.77 3.24
CA SER A 246 -33.82 -7.86 2.10
C SER A 246 -32.45 -7.96 1.43
N MET A 247 -32.46 -8.18 0.12
CA MET A 247 -31.22 -8.40 -0.60
C MET A 247 -30.55 -7.07 -0.81
N PRO A 248 -29.22 -7.05 -0.86
CA PRO A 248 -28.27 -8.17 -0.81
C PRO A 248 -27.75 -8.59 0.55
N PHE A 249 -27.77 -7.69 1.54
CA PHE A 249 -26.95 -7.92 2.71
C PHE A 249 -27.69 -7.78 4.04
N ALA A 250 -29.01 -7.63 4.02
CA ALA A 250 -29.76 -7.46 5.26
C ALA A 250 -30.43 -8.77 5.67
N ILE A 251 -30.59 -8.97 6.97
CA ILE A 251 -31.22 -10.17 7.52
C ILE A 251 -32.10 -9.75 8.69
N ASN A 252 -33.38 -10.10 8.63
CA ASN A 252 -34.34 -9.78 9.69
C ASN A 252 -34.88 -11.09 10.22
N LEU A 253 -34.50 -11.47 11.44
CA LEU A 253 -34.83 -12.77 12.01
C LEU A 253 -35.71 -12.60 13.24
N GLU A 254 -36.98 -12.98 13.13
CA GLU A 254 -37.90 -13.01 14.27
C GLU A 254 -37.86 -14.38 14.93
N VAL A 255 -37.88 -14.40 16.26
CA VAL A 255 -37.83 -15.65 17.03
C VAL A 255 -38.94 -15.66 18.07
N SER A 256 -39.94 -16.52 17.86
CA SER A 256 -41.01 -16.76 18.83
C SER A 256 -40.56 -17.93 19.72
N LYS A 257 -39.90 -17.59 20.83
CA LYS A 257 -39.02 -18.51 21.58
C LYS A 257 -39.74 -19.79 22.02
N TYR A 258 -38.99 -20.89 22.03
CA TYR A 258 -39.35 -22.12 22.76
C TYR A 258 -38.75 -22.05 24.17
N SER A 259 -39.15 -21.00 24.88
CA SER A 259 -38.54 -20.62 26.15
C SER A 259 -39.28 -19.42 26.73
N SER A 260 -40.45 -19.08 26.15
CA SER A 260 -41.03 -17.77 26.46
C SER A 260 -42.48 -17.53 26.00
N SER A 261 -42.87 -17.96 24.79
CA SER A 261 -44.12 -17.52 24.13
C SER A 261 -44.12 -16.00 23.91
N SER A 262 -42.93 -15.40 23.88
CA SER A 262 -42.69 -13.98 23.63
C SER A 262 -41.48 -13.81 22.69
N LEU A 263 -41.44 -12.65 22.04
CA LEU A 263 -40.67 -12.46 20.83
C LEU A 263 -39.26 -11.90 21.12
N HIS A 264 -38.40 -12.00 20.10
CA HIS A 264 -37.02 -11.52 20.10
C HIS A 264 -36.59 -11.40 18.64
N VAL A 265 -35.96 -10.28 18.28
CA VAL A 265 -35.75 -9.94 16.87
C VAL A 265 -34.32 -9.50 16.64
N LEU A 266 -33.68 -10.06 15.61
CA LEU A 266 -32.31 -9.74 15.24
C LEU A 266 -32.31 -9.17 13.83
N PHE A 267 -31.83 -7.94 13.69
CA PHE A 267 -31.69 -7.28 12.40
C PHE A 267 -30.21 -7.00 12.21
N ASN A 268 -29.60 -7.66 11.22
CA ASN A 268 -28.16 -7.60 10.98
C ASN A 268 -27.94 -7.20 9.53
N VAL A 269 -27.08 -6.21 9.29
CA VAL A 269 -26.87 -5.73 7.93
C VAL A 269 -25.40 -5.44 7.72
N SER A 270 -24.80 -6.09 6.74
CA SER A 270 -23.41 -5.87 6.42
C SER A 270 -23.27 -4.74 5.43
N CYS A 271 -22.27 -3.91 5.65
CA CYS A 271 -21.92 -2.84 4.75
C CYS A 271 -20.61 -3.23 4.09
N PRO A 272 -20.56 -3.35 2.76
CA PRO A 272 -19.27 -3.66 2.10
C PRO A 272 -18.44 -2.40 1.97
N VAL A 273 -17.42 -2.22 2.79
CA VAL A 273 -16.68 -0.98 2.69
C VAL A 273 -15.61 -1.10 1.60
N ASP A 274 -15.00 -2.28 1.44
CA ASP A 274 -14.06 -2.47 0.34
C ASP A 274 -14.01 -3.94 -0.03
N SER A 275 -12.99 -4.30 -0.82
CA SER A 275 -12.89 -5.65 -1.36
C SER A 275 -12.78 -6.72 -0.26
N HIS A 276 -12.29 -6.35 0.93
CA HIS A 276 -11.96 -7.35 1.93
C HIS A 276 -12.66 -7.16 3.27
N THR A 277 -13.36 -6.06 3.51
CA THR A 277 -13.82 -5.82 4.87
C THR A 277 -15.26 -5.33 4.89
N THR A 278 -15.93 -5.56 6.03
CA THR A 278 -17.29 -5.10 6.27
C THR A 278 -17.40 -4.35 7.59
N LYS A 279 -18.24 -3.32 7.60
CA LYS A 279 -18.73 -2.70 8.83
C LYS A 279 -20.13 -3.27 9.08
N ASN A 280 -20.27 -4.03 10.16
CA ASN A 280 -21.49 -4.79 10.40
C ASN A 280 -22.31 -4.15 11.49
N PHE A 281 -23.64 -4.05 11.27
CA PHE A 281 -24.57 -3.47 12.22
C PHE A 281 -25.51 -4.52 12.80
N LEU A 282 -25.79 -4.44 14.10
CA LEU A 282 -26.79 -5.30 14.73
C LEU A 282 -27.74 -4.47 15.58
N ILE A 283 -29.01 -4.49 15.22
CA ILE A 283 -30.09 -3.99 16.05
C ILE A 283 -30.93 -5.18 16.50
N PHE A 284 -31.27 -5.24 17.80
CA PHE A 284 -32.15 -6.30 18.26
C PHE A 284 -33.26 -5.73 19.13
N ALA A 285 -34.49 -6.26 18.95
CA ALA A 285 -35.63 -5.92 19.79
C ALA A 285 -36.10 -7.14 20.60
N ARG A 286 -36.70 -6.89 21.75
CA ARG A 286 -37.15 -7.99 22.60
C ARG A 286 -38.48 -7.60 23.25
N GLU A 287 -39.35 -8.61 23.44
CA GLU A 287 -40.61 -8.38 24.13
C GLU A 287 -40.39 -8.30 25.63
N GLN A 288 -39.84 -9.38 26.20
CA GLN A 288 -39.43 -9.39 27.60
C GLN A 288 -38.32 -8.36 27.84
N SER A 289 -38.71 -7.10 28.00
CA SER A 289 -37.81 -5.95 28.07
C SER A 289 -37.32 -5.64 29.48
N ASP A 290 -37.58 -6.52 30.44
CA ASP A 290 -37.32 -6.24 31.84
C ASP A 290 -35.86 -6.45 32.26
N ASP A 291 -35.05 -7.12 31.45
CA ASP A 291 -33.71 -7.44 31.90
C ASP A 291 -32.71 -6.43 31.32
N SER A 292 -31.44 -6.63 31.65
CA SER A 292 -30.42 -5.69 31.22
C SER A 292 -30.17 -5.81 29.72
N ASP A 293 -30.10 -4.66 29.04
CA ASP A 293 -29.64 -4.68 27.65
C ASP A 293 -28.34 -5.46 27.52
N TYR A 294 -27.42 -5.30 28.48
CA TYR A 294 -26.09 -5.87 28.31
C TYR A 294 -26.09 -7.39 28.40
N LEU A 295 -27.09 -7.99 29.05
CA LEU A 295 -27.17 -9.45 29.10
C LEU A 295 -27.13 -10.02 27.69
N HIS A 296 -27.98 -9.46 26.82
CA HIS A 296 -28.02 -9.87 25.41
C HIS A 296 -26.85 -9.30 24.60
N ILE A 297 -26.46 -8.04 24.86
CA ILE A 297 -25.34 -7.48 24.12
C ILE A 297 -24.11 -8.34 24.30
N ALA A 298 -23.87 -8.79 25.53
CA ALA A 298 -22.71 -9.63 25.80
C ALA A 298 -22.83 -10.95 25.06
N PHE A 299 -24.05 -11.49 24.99
CA PHE A 299 -24.26 -12.76 24.33
C PHE A 299 -24.01 -12.67 22.82
N ASN A 300 -24.68 -11.72 22.15
CA ASN A 300 -24.41 -11.48 20.73
C ASN A 300 -22.91 -11.29 20.47
N ASP A 301 -22.26 -10.45 21.30
CA ASP A 301 -20.85 -10.17 21.10
C ASP A 301 -20.01 -11.43 21.22
N LEU A 302 -20.48 -12.41 21.99
CA LEU A 302 -19.77 -13.67 22.14
C LEU A 302 -19.98 -14.58 20.95
N VAL A 303 -21.21 -14.64 20.43
CA VAL A 303 -21.47 -15.40 19.21
C VAL A 303 -20.57 -14.90 18.08
N PHE A 304 -20.54 -13.57 17.89
CA PHE A 304 -19.72 -13.00 16.83
C PHE A 304 -18.25 -13.30 17.05
N ALA A 305 -17.82 -13.33 18.31
CA ALA A 305 -16.43 -13.63 18.62
C ALA A 305 -16.08 -15.06 18.20
N GLU A 306 -17.06 -15.97 18.24
CA GLU A 306 -16.82 -17.35 17.87
C GLU A 306 -16.77 -17.50 16.34
N ASP A 307 -17.67 -16.81 15.64
CA ASP A 307 -17.63 -16.76 14.18
C ASP A 307 -16.35 -16.10 13.67
N LYS A 308 -16.08 -14.86 14.10
CA LYS A 308 -15.12 -13.95 13.46
C LYS A 308 -13.82 -14.61 12.96
N PRO A 309 -13.05 -15.30 13.80
CA PRO A 309 -11.78 -15.85 13.30
C PRO A 309 -11.97 -16.78 12.11
N VAL A 310 -13.01 -17.62 12.16
CA VAL A 310 -13.27 -18.59 11.11
C VAL A 310 -13.69 -17.92 9.81
N ILE A 311 -14.52 -16.88 9.90
CA ILE A 311 -15.02 -16.32 8.64
C ILE A 311 -13.93 -15.47 8.03
N GLU A 312 -13.13 -14.82 8.87
CA GLU A 312 -11.98 -14.12 8.35
C GLU A 312 -10.97 -15.07 7.69
N SER A 313 -10.86 -16.30 8.19
CA SER A 313 -9.91 -17.23 7.61
C SER A 313 -10.31 -17.68 6.22
N GLN A 314 -11.59 -17.57 5.86
CA GLN A 314 -12.03 -18.02 4.55
C GLN A 314 -11.29 -17.26 3.46
N TRP A 315 -10.64 -18.00 2.56
CA TRP A 315 -9.94 -17.42 1.40
C TRP A 315 -10.10 -18.23 0.12
N PRO A 316 -10.17 -17.56 -1.03
CA PRO A 316 -10.19 -16.11 -1.29
C PRO A 316 -11.30 -15.41 -0.55
N LYS A 317 -11.23 -14.09 -0.43
CA LYS A 317 -12.29 -13.39 0.29
C LYS A 317 -13.63 -13.56 -0.44
N ASP A 318 -13.65 -13.43 -1.76
CA ASP A 318 -14.84 -13.70 -2.55
C ASP A 318 -14.86 -15.16 -2.95
N ALA A 319 -16.01 -15.82 -2.72
CA ALA A 319 -16.10 -17.27 -2.85
C ALA A 319 -15.95 -17.69 -4.30
N PRO A 320 -14.98 -18.54 -4.63
CA PRO A 320 -14.77 -18.92 -6.04
C PRO A 320 -15.66 -20.08 -6.45
N ALA A 321 -15.66 -20.35 -7.77
CA ALA A 321 -16.57 -21.34 -8.36
C ALA A 321 -16.26 -22.77 -7.91
N ASP A 322 -15.10 -23.02 -7.36
CA ASP A 322 -14.73 -24.38 -7.00
C ASP A 322 -15.12 -24.77 -5.58
N GLU A 323 -15.95 -23.96 -4.91
CA GLU A 323 -16.45 -24.41 -3.62
C GLU A 323 -17.48 -25.49 -3.91
N VAL A 324 -17.46 -26.55 -3.12
CA VAL A 324 -18.36 -27.68 -3.35
C VAL A 324 -19.47 -27.59 -2.30
N SER A 325 -20.68 -27.27 -2.75
CA SER A 325 -21.82 -27.19 -1.85
C SER A 325 -22.43 -28.57 -1.63
N VAL A 326 -23.21 -28.69 -0.55
CA VAL A 326 -23.98 -29.90 -0.33
C VAL A 326 -25.46 -29.55 -0.15
N VAL A 327 -26.29 -30.57 0.11
CA VAL A 327 -27.74 -30.39 0.15
C VAL A 327 -28.11 -29.36 1.21
N ALA A 328 -27.45 -29.43 2.37
CA ALA A 328 -27.78 -28.59 3.53
C ALA A 328 -27.41 -27.13 3.32
N ASP A 329 -26.63 -26.83 2.28
CA ASP A 329 -26.33 -25.45 1.92
C ASP A 329 -27.39 -24.89 1.01
N LYS A 330 -28.67 -25.19 1.25
CA LYS A 330 -29.67 -24.68 0.33
C LYS A 330 -29.71 -23.15 0.36
N VAL A 331 -29.53 -22.55 1.54
CA VAL A 331 -29.63 -21.10 1.66
C VAL A 331 -28.46 -20.42 0.97
N SER A 332 -27.22 -20.89 1.23
CA SER A 332 -26.04 -20.47 0.47
C SER A 332 -26.33 -20.45 -1.03
N ILE A 333 -26.79 -21.58 -1.56
CA ILE A 333 -26.91 -21.76 -3.00
C ILE A 333 -27.94 -20.79 -3.59
N GLN A 334 -29.12 -20.71 -2.98
CA GLN A 334 -30.13 -19.84 -3.55
C GLN A 334 -29.66 -18.39 -3.55
N TYR A 335 -28.88 -18.03 -2.55
CA TYR A 335 -28.47 -16.64 -2.43
C TYR A 335 -27.39 -16.32 -3.46
N ARG A 336 -26.40 -17.20 -3.63
CA ARG A 336 -25.43 -16.99 -4.70
C ARG A 336 -26.12 -16.96 -6.06
N LYS A 337 -27.13 -17.82 -6.25
CA LYS A 337 -27.90 -17.85 -7.47
C LYS A 337 -28.60 -16.51 -7.71
N TRP A 338 -29.26 -15.97 -6.68
CA TRP A 338 -30.00 -14.73 -6.89
C TRP A 338 -29.05 -13.57 -7.16
N LEU A 339 -27.93 -13.51 -6.42
CA LEU A 339 -26.93 -12.46 -6.67
C LEU A 339 -26.43 -12.53 -8.10
N ARG A 340 -26.00 -13.72 -8.52
CA ARG A 340 -25.53 -13.92 -9.89
C ARG A 340 -26.56 -13.43 -10.91
N GLU A 341 -27.84 -13.83 -10.73
CA GLU A 341 -28.90 -13.32 -11.60
C GLU A 341 -28.99 -11.80 -11.55
N LEU A 342 -28.96 -11.22 -10.35
CA LEU A 342 -29.06 -9.77 -10.22
C LEU A 342 -27.89 -9.08 -10.91
N LYS A 343 -26.69 -9.66 -10.74
CA LYS A 343 -25.49 -9.11 -11.37
C LYS A 343 -25.64 -9.09 -12.88
N GLU A 344 -26.18 -10.18 -13.45
CA GLU A 344 -26.46 -10.25 -14.88
C GLU A 344 -27.51 -9.21 -15.26
N ALA A 345 -28.59 -9.14 -14.49
CA ALA A 345 -29.69 -8.24 -14.83
C ALA A 345 -29.22 -6.80 -14.91
N HIS A 346 -28.32 -6.42 -14.00
CA HIS A 346 -27.75 -5.07 -14.02
C HIS A 346 -27.16 -4.75 -15.39
N LYS A 347 -26.43 -5.69 -15.98
CA LYS A 347 -25.88 -5.49 -17.31
C LYS A 347 -26.97 -5.18 -18.31
N GLU A 348 -28.06 -5.96 -18.32
CA GLU A 348 -29.05 -5.78 -19.37
C GLU A 348 -29.99 -4.60 -19.10
N GLY A 349 -29.78 -3.84 -18.04
CA GLY A 349 -30.37 -2.53 -17.93
C GLY A 349 -31.39 -2.43 -16.82
N SER A 350 -31.98 -1.24 -16.71
CA SER A 350 -32.83 -0.89 -15.58
C SER A 350 -33.92 -1.92 -15.33
N GLN A 351 -34.79 -2.16 -16.32
CA GLN A 351 -35.97 -2.96 -16.05
C GLN A 351 -35.63 -4.43 -15.82
N ALA A 352 -34.64 -4.98 -16.54
CA ALA A 352 -34.30 -6.38 -16.27
C ALA A 352 -33.83 -6.56 -14.83
N PHE A 353 -33.22 -5.51 -14.27
CA PHE A 353 -32.80 -5.55 -12.87
C PHE A 353 -34.03 -5.47 -11.95
N ARG A 354 -34.86 -4.45 -12.15
CA ARG A 354 -36.08 -4.29 -11.36
C ARG A 354 -36.92 -5.56 -11.35
N SER A 355 -36.87 -6.34 -12.45
CA SER A 355 -37.58 -7.62 -12.50
C SER A 355 -36.87 -8.67 -11.66
N ALA A 356 -35.55 -8.80 -11.81
CA ALA A 356 -34.82 -9.83 -11.07
C ALA A 356 -34.89 -9.59 -9.58
N LEU A 357 -35.02 -8.33 -9.18
CA LEU A 357 -35.16 -8.03 -7.76
C LEU A 357 -36.57 -8.34 -7.28
N LEU A 358 -37.58 -7.82 -7.99
CA LEU A 358 -38.94 -7.73 -7.46
C LEU A 358 -39.90 -8.81 -7.94
N ASP A 359 -39.62 -9.48 -9.06
CA ASP A 359 -40.48 -10.57 -9.49
C ASP A 359 -40.57 -11.61 -8.38
N PRO A 360 -41.76 -12.07 -8.03
CA PRO A 360 -41.90 -13.01 -6.93
C PRO A 360 -41.63 -14.43 -7.40
N VAL A 361 -41.17 -15.27 -6.46
CA VAL A 361 -40.94 -16.69 -6.69
C VAL A 361 -41.24 -17.45 -5.40
N ILE A 362 -42.33 -18.21 -5.38
CA ILE A 362 -42.83 -18.85 -4.17
C ILE A 362 -42.55 -20.34 -4.22
N GLU A 363 -41.91 -20.86 -3.17
CA GLU A 363 -41.64 -22.28 -2.99
C GLU A 363 -42.46 -22.91 -1.87
N SER A 364 -42.79 -22.15 -0.83
CA SER A 364 -43.58 -22.66 0.28
C SER A 364 -45.06 -22.47 -0.03
N ASP A 365 -45.92 -22.68 0.97
CA ASP A 365 -47.35 -22.56 0.77
C ASP A 365 -47.95 -21.32 1.42
N ARG A 366 -47.20 -20.21 1.51
CA ARG A 366 -47.74 -19.00 2.11
C ARG A 366 -48.13 -17.99 1.04
N SER A 367 -48.83 -16.93 1.48
CA SER A 367 -49.63 -16.10 0.59
C SER A 367 -48.95 -14.79 0.18
N TYR A 368 -48.71 -13.87 1.14
CA TYR A 368 -48.14 -12.52 0.89
C TYR A 368 -49.06 -11.53 0.13
N ASN B 25 8.92 5.57 -12.77
CA ASN B 25 7.75 5.72 -13.62
C ASN B 25 7.71 7.19 -14.08
N ASP B 26 7.60 7.37 -15.39
CA ASP B 26 8.27 8.44 -16.10
C ASP B 26 7.38 9.64 -16.42
N GLU B 27 6.36 9.90 -15.62
CA GLU B 27 5.82 11.25 -15.60
C GLU B 27 6.66 12.18 -14.73
N ARG B 28 7.61 11.67 -13.96
CA ARG B 28 8.36 12.55 -13.09
C ARG B 28 9.82 12.62 -13.51
N GLU B 29 10.13 12.19 -14.73
CA GLU B 29 11.51 12.11 -15.18
C GLU B 29 12.17 13.48 -15.22
N TYR B 30 11.44 14.50 -15.65
CA TYR B 30 12.03 15.84 -15.72
C TYR B 30 12.55 16.30 -14.38
N LEU B 31 11.98 15.79 -13.28
CA LEU B 31 12.43 16.20 -11.95
C LEU B 31 13.88 15.80 -11.69
N ARG B 32 14.42 14.85 -12.45
CA ARG B 32 15.77 14.36 -12.16
C ARG B 32 16.85 15.37 -12.54
N HIS B 33 16.51 16.38 -13.35
CA HIS B 33 17.50 17.37 -13.75
C HIS B 33 17.68 18.44 -12.71
N PHE B 34 16.79 18.54 -11.75
CA PHE B 34 16.91 19.59 -10.77
C PHE B 34 17.74 19.12 -9.57
N TRP B 35 18.27 20.09 -8.84
CA TRP B 35 18.93 19.79 -7.59
C TRP B 35 17.90 19.63 -6.47
N HIS B 36 18.01 18.51 -5.74
CA HIS B 36 17.09 18.27 -4.63
C HIS B 36 17.85 18.09 -3.32
N PRO B 37 17.34 18.65 -2.22
CA PRO B 37 17.98 18.43 -0.92
C PRO B 37 17.55 17.08 -0.37
N VAL B 38 18.50 16.31 0.13
CA VAL B 38 18.16 15.00 0.67
C VAL B 38 18.35 14.88 2.19
N CYS B 39 19.21 15.69 2.79
CA CYS B 39 19.40 15.63 4.24
C CYS B 39 20.07 16.90 4.69
N THR B 40 20.02 17.16 6.00
CA THR B 40 20.85 18.22 6.56
C THR B 40 22.29 17.73 6.73
N VAL B 41 23.22 18.69 6.80
CA VAL B 41 24.59 18.31 7.14
C VAL B 41 24.62 17.61 8.50
N THR B 42 23.79 18.06 9.46
CA THR B 42 23.89 17.44 10.78
C THR B 42 23.25 16.04 10.78
N GLU B 43 22.31 15.78 9.85
CA GLU B 43 21.78 14.43 9.70
C GLU B 43 22.86 13.46 9.21
N LEU B 44 23.72 13.90 8.30
CA LEU B 44 24.81 13.05 7.83
C LEU B 44 25.83 12.78 8.94
N GLU B 45 26.18 13.82 9.69
CA GLU B 45 27.15 13.62 10.76
C GLU B 45 26.58 12.79 11.88
N LYS B 46 25.27 12.85 12.12
CA LYS B 46 24.66 12.05 13.18
C LYS B 46 24.50 10.61 12.77
N ALA B 47 24.53 10.32 11.47
CA ALA B 47 24.08 9.02 10.98
C ALA B 47 24.96 7.88 11.48
N HIS B 48 26.28 8.08 11.49
CA HIS B 48 27.27 7.05 11.81
C HIS B 48 28.29 7.60 12.79
N PRO B 49 28.74 6.82 13.77
CA PRO B 49 29.59 7.40 14.83
C PRO B 49 30.84 8.04 14.28
N SER B 50 31.30 7.64 13.09
CA SER B 50 32.46 8.26 12.47
C SER B 50 32.25 9.72 12.14
N SER B 51 30.99 10.17 12.04
CA SER B 51 30.56 11.49 11.56
C SER B 51 30.80 11.69 10.06
N LEU B 52 31.12 10.63 9.33
CA LEU B 52 31.32 10.71 7.89
C LEU B 52 30.20 10.06 7.12
N GLY B 53 29.15 9.60 7.80
CA GLY B 53 28.21 8.68 7.21
C GLY B 53 28.78 7.28 7.21
N PRO B 54 28.24 6.40 6.35
CA PRO B 54 27.24 6.70 5.33
C PRO B 54 25.83 6.90 5.89
N LEU B 55 25.03 7.62 5.12
CA LEU B 55 23.63 7.86 5.39
C LEU B 55 22.80 7.42 4.18
N ALA B 56 21.77 6.62 4.42
CA ALA B 56 20.92 6.26 3.29
C ALA B 56 19.88 7.36 3.07
N VAL B 57 19.51 7.56 1.81
CA VAL B 57 18.51 8.56 1.44
C VAL B 57 17.78 8.04 0.22
N LYS B 58 16.57 8.56 0.01
CA LYS B 58 15.73 8.18 -1.12
C LYS B 58 15.24 9.46 -1.77
N LEU B 59 15.36 9.53 -3.09
CA LEU B 59 14.96 10.71 -3.84
C LEU B 59 14.35 10.20 -5.14
N LEU B 60 13.17 10.74 -5.48
CA LEU B 60 12.41 10.32 -6.65
C LEU B 60 12.46 8.80 -6.79
N ASN B 61 12.22 8.12 -5.68
CA ASN B 61 12.22 6.67 -5.56
C ASN B 61 13.58 6.00 -5.79
N GLU B 62 14.64 6.76 -6.03
CA GLU B 62 15.98 6.19 -6.07
C GLU B 62 16.53 5.99 -4.67
N GLN B 63 17.14 4.83 -4.43
CA GLN B 63 17.83 4.56 -3.17
C GLN B 63 19.30 4.94 -3.30
N LEU B 64 19.72 5.98 -2.58
CA LEU B 64 21.08 6.48 -2.61
C LEU B 64 21.73 6.42 -1.23
N VAL B 65 23.06 6.44 -1.23
CA VAL B 65 23.84 6.61 -0.01
C VAL B 65 24.70 7.86 -0.15
N VAL B 66 24.79 8.64 0.92
CA VAL B 66 25.64 9.83 0.98
C VAL B 66 26.76 9.57 1.97
N ALA B 67 27.96 10.03 1.65
CA ALA B 67 29.10 9.92 2.56
C ALA B 67 30.11 11.01 2.25
N LYS B 68 30.87 11.43 3.26
CA LYS B 68 31.98 12.35 3.07
C LYS B 68 33.23 11.53 2.82
N LEU B 69 33.72 11.57 1.59
CA LEU B 69 34.97 10.91 1.19
C LEU B 69 35.99 12.00 0.98
N GLY B 70 36.93 12.11 1.91
CA GLY B 70 37.87 13.21 1.82
C GLY B 70 37.21 14.55 2.08
N ASP B 71 37.35 15.48 1.14
CA ASP B 71 36.73 16.79 1.26
C ASP B 71 35.48 16.92 0.41
N GLU B 72 35.00 15.80 -0.12
CA GLU B 72 33.86 15.77 -1.03
C GLU B 72 32.64 15.12 -0.37
N TYR B 73 31.49 15.75 -0.52
CA TYR B 73 30.25 15.02 -0.29
C TYR B 73 29.94 14.19 -1.54
N VAL B 74 29.98 12.87 -1.40
CA VAL B 74 29.77 11.94 -2.51
C VAL B 74 28.42 11.27 -2.33
N ALA B 75 27.73 11.02 -3.45
CA ALA B 75 26.43 10.36 -3.47
C ALA B 75 26.46 9.27 -4.53
N MET B 76 26.26 8.04 -4.09
CA MET B 76 26.20 6.90 -4.99
C MET B 76 24.87 6.17 -4.80
N ARG B 77 24.53 5.34 -5.78
CA ARG B 77 23.42 4.43 -5.60
C ARG B 77 23.74 3.53 -4.40
N ASP B 78 22.76 3.38 -3.49
CA ASP B 78 22.94 2.54 -2.31
C ASP B 78 22.82 1.06 -2.66
N ARG B 79 23.62 0.60 -3.62
CA ARG B 79 23.58 -0.80 -4.01
C ARG B 79 24.94 -1.18 -4.57
N CYS B 80 25.60 -2.14 -3.95
CA CYS B 80 26.95 -2.52 -4.34
C CYS B 80 26.94 -3.44 -5.56
N ALA B 81 27.95 -3.24 -6.42
CA ALA B 81 28.02 -3.91 -7.71
C ALA B 81 28.35 -5.40 -7.61
N HIS B 82 28.80 -5.87 -6.44
CA HIS B 82 29.28 -7.24 -6.28
C HIS B 82 28.15 -8.22 -5.98
N ARG B 83 27.58 -8.12 -4.78
CA ARG B 83 26.48 -9.00 -4.38
C ARG B 83 25.27 -8.20 -3.88
N SER B 84 25.18 -6.91 -4.23
CA SER B 84 23.99 -6.08 -4.08
C SER B 84 23.67 -5.69 -2.64
N ALA B 85 24.67 -5.69 -1.76
CA ALA B 85 24.45 -5.24 -0.39
C ALA B 85 24.37 -3.72 -0.37
N LYS B 86 23.73 -3.19 0.69
CA LYS B 86 23.54 -1.74 0.82
C LYS B 86 24.80 -1.09 1.38
N LEU B 87 25.43 -0.23 0.59
CA LEU B 87 26.61 0.46 1.09
C LEU B 87 26.30 1.32 2.29
N SER B 88 25.01 1.67 2.52
CA SER B 88 24.69 2.52 3.66
C SER B 88 24.88 1.79 4.99
N LEU B 89 24.94 0.46 5.00
CA LEU B 89 25.40 -0.28 6.18
C LEU B 89 26.90 -0.45 6.22
N GLY B 90 27.62 0.12 5.27
CA GLY B 90 29.07 0.08 5.26
C GLY B 90 29.69 1.16 6.12
N THR B 91 30.96 1.42 5.86
CA THR B 91 31.72 2.40 6.62
C THR B 91 32.64 3.14 5.66
N VAL B 92 33.01 4.36 6.04
CA VAL B 92 33.95 5.17 5.26
C VAL B 92 35.36 4.81 5.68
N SER B 93 36.20 4.42 4.73
CA SER B 93 37.58 4.05 5.01
C SER B 93 38.52 4.97 4.23
N GLY B 94 39.18 5.86 4.95
CA GLY B 94 39.96 6.86 4.26
C GLY B 94 39.12 7.75 3.37
N ASN B 95 39.32 7.61 2.06
CA ASN B 95 38.58 8.41 1.10
C ASN B 95 37.61 7.56 0.30
N ARG B 96 37.22 6.39 0.83
CA ARG B 96 36.41 5.43 0.11
C ARG B 96 35.22 4.96 0.96
N LEU B 97 34.19 4.46 0.28
CA LEU B 97 33.08 3.81 0.96
C LEU B 97 33.27 2.29 0.89
N GLN B 98 33.25 1.64 2.05
CA GLN B 98 33.53 0.21 2.15
C GLN B 98 32.22 -0.55 2.37
N CYS B 99 31.87 -1.38 1.40
CA CYS B 99 30.69 -2.22 1.53
C CYS B 99 30.80 -3.06 2.81
N PRO B 100 29.68 -3.30 3.50
CA PRO B 100 29.76 -4.04 4.77
C PRO B 100 29.90 -5.55 4.63
N TYR B 101 29.70 -6.11 3.43
CA TYR B 101 29.59 -7.57 3.22
C TYR B 101 30.93 -8.23 2.94
N HIS B 102 31.53 -7.95 1.78
CA HIS B 102 32.86 -8.46 1.45
C HIS B 102 33.92 -7.36 1.37
N GLY B 103 33.62 -6.15 1.81
CA GLY B 103 34.63 -5.15 2.00
C GLY B 103 35.13 -4.41 0.78
N TRP B 104 34.46 -4.49 -0.37
CA TRP B 104 34.92 -3.70 -1.51
C TRP B 104 34.93 -2.21 -1.16
N GLN B 105 35.89 -1.47 -1.71
CA GLN B 105 35.97 -0.03 -1.49
C GLN B 105 35.69 0.72 -2.78
N TYR B 106 34.96 1.82 -2.65
CA TYR B 106 34.54 2.64 -3.78
C TYR B 106 35.07 4.05 -3.59
N ASP B 107 35.63 4.63 -4.66
CA ASP B 107 36.21 5.96 -4.64
C ASP B 107 35.16 7.02 -5.02
N THR B 108 35.59 8.30 -5.04
CA THR B 108 34.63 9.39 -5.29
C THR B 108 33.97 9.33 -6.68
N HIS B 109 34.43 8.44 -7.57
CA HIS B 109 33.76 8.22 -8.85
C HIS B 109 33.01 6.90 -8.88
N GLY B 110 32.79 6.29 -7.71
CA GLY B 110 32.03 5.07 -7.70
C GLY B 110 32.74 3.87 -8.27
N ALA B 111 34.04 3.96 -8.50
CA ALA B 111 34.78 2.83 -9.03
C ALA B 111 35.40 2.05 -7.88
N CYS B 112 35.38 0.71 -8.02
CA CYS B 112 36.05 -0.10 -7.02
C CYS B 112 37.56 0.00 -7.16
N GLN B 113 38.24 0.19 -6.04
CA GLN B 113 39.68 0.21 -6.02
C GLN B 113 40.28 -0.89 -5.17
N LEU B 114 39.49 -1.65 -4.42
CA LEU B 114 40.06 -2.71 -3.62
C LEU B 114 39.05 -3.84 -3.49
N VAL B 115 39.49 -5.04 -3.81
CA VAL B 115 38.72 -6.27 -3.65
C VAL B 115 39.52 -7.12 -2.65
N PRO B 116 39.20 -7.07 -1.36
CA PRO B 116 40.10 -7.67 -0.37
C PRO B 116 40.37 -9.16 -0.59
N ALA B 117 39.47 -9.88 -1.26
CA ALA B 117 39.63 -11.33 -1.40
C ALA B 117 40.63 -11.71 -2.47
N CYS B 118 40.82 -10.84 -3.46
CA CYS B 118 41.81 -11.03 -4.52
C CYS B 118 42.53 -9.71 -4.71
N PRO B 119 43.31 -9.28 -3.72
CA PRO B 119 44.00 -7.98 -3.83
C PRO B 119 45.02 -7.94 -4.95
N ASN B 120 45.40 -9.09 -5.52
CA ASN B 120 46.37 -9.17 -6.60
C ASN B 120 45.75 -9.55 -7.95
N SER B 121 44.44 -9.81 -8.02
CA SER B 121 43.76 -9.98 -9.30
C SER B 121 43.44 -8.62 -9.90
N PRO B 122 43.07 -8.58 -11.18
CA PRO B 122 42.50 -7.35 -11.74
C PRO B 122 41.11 -7.08 -11.19
N ILE B 123 40.78 -5.81 -11.08
CA ILE B 123 39.45 -5.38 -10.63
C ILE B 123 38.55 -5.34 -11.86
N PRO B 124 37.51 -6.19 -11.92
CA PRO B 124 36.61 -6.19 -13.10
C PRO B 124 36.18 -4.79 -13.48
N ASN B 125 36.05 -4.55 -14.79
CA ASN B 125 35.74 -3.18 -15.20
C ASN B 125 34.34 -2.76 -14.79
N LYS B 126 33.42 -3.72 -14.71
CA LYS B 126 32.06 -3.43 -14.24
C LYS B 126 31.98 -3.22 -12.72
N ALA B 127 33.07 -3.39 -11.97
CA ALA B 127 33.00 -3.22 -10.52
C ALA B 127 32.82 -1.76 -10.16
N LYS B 128 31.61 -1.25 -10.38
CA LYS B 128 31.34 0.18 -10.37
C LYS B 128 29.88 0.41 -9.99
N VAL B 129 29.62 1.45 -9.18
CA VAL B 129 28.26 1.82 -8.83
C VAL B 129 28.04 3.28 -9.23
N ASP B 130 26.83 3.57 -9.69
CA ASP B 130 26.52 4.90 -10.21
C ASP B 130 26.75 5.97 -9.15
N ARG B 131 27.21 7.12 -9.61
CA ARG B 131 27.55 8.25 -8.76
C ARG B 131 26.73 9.44 -9.25
N PHE B 132 26.39 10.35 -8.35
CA PHE B 132 25.53 11.47 -8.69
C PHE B 132 26.09 12.77 -8.16
N ASP B 133 25.80 13.86 -8.87
CA ASP B 133 26.25 15.18 -8.46
C ASP B 133 25.78 15.49 -7.06
N CYS B 134 26.72 15.72 -6.15
CA CYS B 134 26.41 15.90 -4.74
C CYS B 134 27.20 17.09 -4.22
N GLU B 135 26.49 18.14 -3.83
CA GLU B 135 27.13 19.34 -3.32
C GLU B 135 26.38 19.85 -2.09
N GLU B 136 27.13 20.39 -1.13
CA GLU B 136 26.56 21.01 0.05
C GLU B 136 26.30 22.49 -0.25
N ARG B 137 25.26 23.02 0.37
CA ARG B 137 25.00 24.46 0.38
C ARG B 137 23.93 24.75 1.43
N TYR B 138 24.09 25.88 2.11
CA TYR B 138 23.16 26.39 3.09
C TYR B 138 23.02 25.50 4.31
N GLY B 139 23.81 24.44 4.42
CA GLY B 139 23.65 23.51 5.51
C GLY B 139 22.97 22.23 5.12
N LEU B 140 22.57 22.09 3.85
CA LEU B 140 21.90 20.91 3.36
C LEU B 140 22.75 20.26 2.28
N ILE B 141 22.43 19.00 1.97
CA ILE B 141 23.15 18.25 0.95
C ILE B 141 22.24 18.05 -0.24
N TRP B 142 22.65 18.56 -1.40
CA TRP B 142 21.84 18.53 -2.61
C TRP B 142 22.37 17.48 -3.58
N ILE B 143 21.46 16.78 -4.26
CA ILE B 143 21.80 15.76 -5.25
C ILE B 143 21.09 16.09 -6.54
N ARG B 144 21.81 15.95 -7.66
CA ARG B 144 21.26 16.15 -9.00
C ARG B 144 21.43 14.84 -9.77
N LEU B 145 20.32 14.15 -10.03
CA LEU B 145 20.41 12.79 -10.54
C LEU B 145 20.81 12.72 -12.01
N ASP B 146 20.49 13.75 -12.78
CA ASP B 146 20.75 13.73 -14.23
C ASP B 146 21.36 15.08 -14.57
N SER B 147 22.66 15.09 -14.86
CA SER B 147 23.36 16.33 -15.19
C SER B 147 23.42 16.60 -16.68
N SER B 148 22.72 15.83 -17.51
CA SER B 148 23.03 15.88 -18.92
C SER B 148 22.50 17.13 -19.61
N PHE B 149 21.65 17.90 -18.96
CA PHE B 149 21.21 19.15 -19.56
C PHE B 149 22.02 20.33 -19.11
N ASP B 150 23.00 20.11 -18.22
CA ASP B 150 23.85 21.14 -17.65
C ASP B 150 23.20 22.52 -17.65
N CYS B 151 22.03 22.65 -17.00
CA CYS B 151 21.44 23.99 -16.96
C CYS B 151 20.60 24.27 -15.71
N THR B 152 20.75 23.50 -14.64
CA THR B 152 20.06 23.76 -13.38
C THR B 152 21.05 24.07 -12.27
N GLU B 153 20.69 25.01 -11.40
CA GLU B 153 21.49 25.32 -10.21
C GLU B 153 20.69 25.06 -8.94
N ILE B 154 21.41 24.79 -7.85
CA ILE B 154 20.85 24.70 -6.49
C ILE B 154 19.97 25.91 -6.20
N PRO B 155 18.78 25.73 -5.61
CA PRO B 155 17.89 26.88 -5.38
C PRO B 155 18.57 28.03 -4.66
N TYR B 156 17.95 29.20 -4.71
CA TYR B 156 18.53 30.41 -4.18
C TYR B 156 17.95 30.71 -2.81
N PHE B 157 18.84 30.95 -1.84
CA PHE B 157 18.50 31.37 -0.48
C PHE B 157 19.04 32.79 -0.29
N SER B 158 18.13 33.75 -0.13
CA SER B 158 18.52 35.16 -0.15
C SER B 158 19.46 35.52 1.00
N ALA B 159 19.34 34.83 2.13
CA ALA B 159 19.95 35.25 3.37
C ALA B 159 21.35 34.70 3.61
N ALA B 160 21.78 33.70 2.85
CA ALA B 160 23.16 33.25 2.97
C ALA B 160 24.10 34.42 2.71
N ASN B 161 25.21 34.45 3.44
CA ASN B 161 26.25 35.49 3.36
C ASN B 161 25.91 36.72 4.20
N ASP B 162 24.71 37.29 4.01
CA ASP B 162 24.26 38.47 4.74
C ASP B 162 24.57 38.31 6.21
N PRO B 163 25.53 39.09 6.73
CA PRO B 163 26.03 38.86 8.09
C PRO B 163 25.19 39.52 9.17
N ARG B 164 24.27 40.42 8.80
CA ARG B 164 23.31 40.97 9.74
C ARG B 164 22.27 39.95 10.20
N LEU B 165 22.30 38.72 9.68
CA LEU B 165 21.20 37.78 9.83
C LEU B 165 21.64 36.50 10.53
N ARG B 166 20.85 36.09 11.52
CA ARG B 166 21.05 34.82 12.18
C ARG B 166 20.26 33.76 11.45
N ILE B 167 20.87 32.62 11.19
CA ILE B 167 20.25 31.59 10.36
C ILE B 167 20.09 30.30 11.17
N VAL B 168 18.86 29.83 11.31
CA VAL B 168 18.52 28.58 12.00
C VAL B 168 18.07 27.54 10.98
N ILE B 169 18.49 26.28 11.16
CA ILE B 169 18.14 25.17 10.26
C ILE B 169 17.27 24.18 11.04
N GLN B 170 15.96 24.18 10.83
CA GLN B 170 15.08 23.28 11.56
C GLN B 170 15.31 21.84 11.12
N GLU B 171 15.05 20.88 12.03
CA GLU B 171 15.03 19.46 11.67
C GLU B 171 14.14 19.29 10.45
N PRO B 172 14.44 18.36 9.55
CA PRO B 172 13.51 18.08 8.45
C PRO B 172 12.19 17.59 8.98
N TYR B 173 11.09 18.00 8.33
CA TYR B 173 9.75 17.50 8.66
C TYR B 173 9.11 16.77 7.47
N TRP B 174 8.49 15.61 7.74
CA TRP B 174 7.99 14.73 6.69
C TRP B 174 6.48 14.80 6.60
N TRP B 175 5.97 14.98 5.38
CA TRP B 175 4.53 14.98 5.09
C TRP B 175 4.18 13.89 4.10
N ASP B 176 2.97 13.38 4.25
CA ASP B 176 2.41 12.44 3.30
C ASP B 176 1.67 13.21 2.20
N ALA B 177 2.43 14.05 1.49
CA ALA B 177 1.95 14.87 0.39
C ALA B 177 3.08 15.09 -0.60
N THR B 178 2.73 15.48 -1.82
CA THR B 178 3.74 15.65 -2.86
C THR B 178 4.37 17.03 -2.79
N ALA B 179 5.60 17.10 -3.29
CA ALA B 179 6.32 18.37 -3.31
C ALA B 179 5.50 19.46 -3.99
N GLU B 180 4.76 19.11 -5.06
CA GLU B 180 3.93 20.10 -5.73
C GLU B 180 2.82 20.59 -4.80
N ARG B 181 2.18 19.67 -4.07
CA ARG B 181 1.08 20.11 -3.22
C ARG B 181 1.61 20.89 -2.02
N ARG B 182 2.74 20.45 -1.47
CA ARG B 182 3.37 21.18 -0.37
C ARG B 182 3.81 22.57 -0.83
N TRP B 183 4.40 22.66 -2.01
CA TRP B 183 4.76 23.94 -2.60
C TRP B 183 3.56 24.87 -2.61
N GLU B 184 2.46 24.39 -3.18
CA GLU B 184 1.31 25.24 -3.38
C GLU B 184 0.73 25.72 -2.07
N ASN B 185 0.79 24.89 -1.03
CA ASN B 185 0.30 25.33 0.27
C ASN B 185 1.16 26.46 0.82
N PHE B 186 2.48 26.39 0.60
CA PHE B 186 3.37 27.38 1.19
C PHE B 186 3.16 28.76 0.57
N THR B 187 2.70 28.81 -0.69
CA THR B 187 2.47 30.06 -1.42
C THR B 187 1.00 30.41 -1.50
N ASP B 188 0.19 29.80 -0.66
CA ASP B 188 -1.24 30.00 -0.68
C ASP B 188 -1.62 31.16 0.23
N PHE B 189 -2.58 31.95 -0.23
CA PHE B 189 -3.07 33.09 0.55
C PHE B 189 -4.48 32.88 1.06
N SER B 190 -5.30 32.15 0.33
CA SER B 190 -6.71 32.04 0.63
C SER B 190 -6.99 31.24 1.89
N HIS B 191 -6.01 30.47 2.39
CA HIS B 191 -6.27 29.49 3.43
C HIS B 191 -5.99 29.98 4.84
N PHE B 192 -5.45 31.19 5.00
CA PHE B 192 -5.12 31.67 6.34
C PHE B 192 -6.35 31.64 7.23
N ALA B 193 -7.46 32.21 6.76
CA ALA B 193 -8.64 32.38 7.60
C ALA B 193 -9.14 31.07 8.20
N PHE B 194 -8.79 29.93 7.61
CA PHE B 194 -9.38 28.65 7.98
C PHE B 194 -8.41 27.70 8.67
N ILE B 195 -7.18 27.60 8.18
CA ILE B 195 -6.24 26.71 8.83
C ILE B 195 -5.41 27.42 9.90
N HIS B 196 -5.15 28.72 9.73
CA HIS B 196 -4.34 29.50 10.66
C HIS B 196 -5.09 30.71 11.20
N PRO B 197 -6.28 30.53 11.80
CA PRO B 197 -6.96 31.73 12.36
C PRO B 197 -6.20 32.27 13.54
N GLY B 198 -5.67 31.39 14.40
CA GLY B 198 -4.96 31.87 15.57
C GLY B 198 -3.56 32.37 15.34
N THR B 199 -2.98 32.10 14.18
CA THR B 199 -1.54 32.28 14.03
C THR B 199 -1.12 33.11 12.83
N LEU B 200 -1.88 33.08 11.73
CA LEU B 200 -1.49 33.82 10.53
C LEU B 200 -2.58 34.71 9.95
N PHE B 201 -3.82 34.62 10.42
CA PHE B 201 -4.89 35.33 9.72
C PHE B 201 -4.93 36.78 10.16
N ASP B 202 -4.79 37.69 9.19
CA ASP B 202 -4.88 39.12 9.44
C ASP B 202 -6.30 39.61 9.13
N PRO B 203 -7.18 39.78 10.13
CA PRO B 203 -8.61 40.01 9.81
C PRO B 203 -8.91 41.32 9.09
N ASN B 204 -8.06 42.34 9.20
CA ASN B 204 -8.29 43.58 8.46
C ASN B 204 -7.89 43.46 7.00
N ASN B 205 -6.73 42.83 6.73
CA ASN B 205 -6.35 42.37 5.39
C ASN B 205 -6.78 40.90 5.25
N ALA B 206 -8.08 40.71 5.11
CA ALA B 206 -8.64 39.37 5.11
C ALA B 206 -8.69 38.73 3.74
N GLU B 207 -8.75 39.51 2.67
CA GLU B 207 -8.93 38.84 1.39
C GLU B 207 -7.69 39.03 0.52
N PRO B 208 -7.30 37.98 -0.19
CA PRO B 208 -6.01 37.98 -0.88
C PRO B 208 -6.08 38.76 -2.18
N PRO B 209 -4.96 39.32 -2.62
CA PRO B 209 -4.91 40.06 -3.87
C PRO B 209 -4.42 39.16 -5.01
N ILE B 210 -4.45 39.74 -6.18
CA ILE B 210 -3.88 39.12 -7.36
C ILE B 210 -2.61 39.88 -7.61
N VAL B 211 -1.52 39.17 -7.89
CA VAL B 211 -0.27 39.87 -8.06
C VAL B 211 0.42 39.45 -9.34
N PRO B 212 1.15 40.36 -9.98
CA PRO B 212 1.91 39.98 -11.16
C PRO B 212 3.03 39.04 -10.77
N MET B 213 3.28 38.05 -11.62
CA MET B 213 4.33 37.06 -11.40
C MET B 213 5.28 37.07 -12.57
N ASP B 214 6.58 37.07 -12.27
CA ASP B 214 7.62 37.06 -13.29
C ASP B 214 8.34 35.72 -13.26
N ARG B 215 8.72 35.24 -14.43
CA ARG B 215 9.72 34.19 -14.54
C ARG B 215 11.05 34.87 -14.80
N PHE B 216 12.03 34.62 -13.95
CA PHE B 216 13.35 35.19 -14.20
C PHE B 216 14.38 34.22 -13.67
N ASN B 217 15.27 33.78 -14.54
CA ASN B 217 16.42 32.98 -14.15
C ASN B 217 15.98 31.72 -13.42
N GLY B 218 14.94 31.07 -13.95
CA GLY B 218 14.44 29.85 -13.36
C GLY B 218 13.63 30.02 -12.09
N GLN B 219 13.29 31.24 -11.71
CA GLN B 219 12.61 31.46 -10.47
C GLN B 219 11.30 32.19 -10.73
N PHE B 220 10.33 31.96 -9.87
CA PHE B 220 9.11 32.74 -9.85
C PHE B 220 9.29 33.87 -8.86
N ARG B 221 8.79 35.06 -9.19
CA ARG B 221 8.94 36.20 -8.28
C ARG B 221 7.66 37.00 -8.20
N PHE B 222 7.21 37.29 -6.99
CA PHE B 222 5.98 38.05 -6.79
C PHE B 222 6.02 38.65 -5.39
N VAL B 223 5.24 39.74 -5.18
CA VAL B 223 5.28 40.48 -3.93
C VAL B 223 3.89 40.89 -3.45
N TYR B 224 3.81 41.29 -2.17
CA TYR B 224 2.57 41.58 -1.43
C TYR B 224 2.72 42.84 -0.58
N ASP B 225 1.58 43.34 -0.07
CA ASP B 225 1.54 44.50 0.85
C ASP B 225 0.30 44.58 1.73
N SER B 240 5.14 43.91 3.55
CA SER B 240 5.55 43.45 2.22
C SER B 240 6.29 42.10 2.18
N PHE B 241 5.71 41.12 1.48
CA PHE B 241 6.26 39.77 1.36
C PHE B 241 6.81 39.59 -0.05
N SER B 242 8.02 39.06 -0.17
CA SER B 242 8.65 38.95 -1.47
C SER B 242 9.16 37.52 -1.70
N TYR B 243 8.61 36.86 -2.72
CA TYR B 243 8.91 35.46 -3.01
C TYR B 243 9.92 35.33 -4.15
N THR B 244 10.83 34.38 -4.01
CA THR B 244 11.74 34.03 -5.08
C THR B 244 11.74 32.51 -5.04
N CYS B 245 10.93 31.90 -5.91
CA CYS B 245 10.69 30.48 -5.90
C CYS B 245 11.50 29.87 -7.03
N SER B 246 12.67 29.32 -6.67
CA SER B 246 13.49 28.58 -7.62
C SER B 246 12.75 27.31 -8.01
N MET B 247 12.41 27.17 -9.28
CA MET B 247 11.60 26.02 -9.71
C MET B 247 12.38 24.72 -9.62
N PRO B 248 11.72 23.61 -9.24
CA PRO B 248 10.29 23.43 -8.95
C PRO B 248 9.77 23.61 -7.50
N PHE B 249 10.63 23.38 -6.49
CA PHE B 249 10.16 23.01 -5.15
C PHE B 249 10.69 23.90 -4.03
N ALA B 250 11.35 25.00 -4.34
CA ALA B 250 11.97 25.86 -3.35
C ALA B 250 11.26 27.20 -3.29
N ILE B 251 11.14 27.75 -2.08
CA ILE B 251 10.52 29.05 -1.86
C ILE B 251 11.45 29.87 -1.00
N ASN B 252 11.68 31.12 -1.40
CA ASN B 252 12.51 32.02 -0.61
C ASN B 252 11.65 33.24 -0.32
N LEU B 253 11.21 33.36 0.93
CA LEU B 253 10.22 34.35 1.33
C LEU B 253 10.89 35.38 2.22
N GLU B 254 11.00 36.62 1.74
CA GLU B 254 11.58 37.71 2.52
C GLU B 254 10.46 38.59 3.04
N VAL B 255 10.21 38.53 4.34
CA VAL B 255 9.20 39.37 4.99
C VAL B 255 9.90 40.58 5.63
N SER B 256 9.61 41.77 5.16
CA SER B 256 10.07 42.97 5.83
C SER B 256 8.88 43.69 6.43
N LYS B 257 9.13 44.40 7.54
CA LYS B 257 8.09 45.16 8.22
C LYS B 257 8.16 46.61 7.75
N TYR B 258 7.74 46.78 6.49
CA TYR B 258 7.82 48.00 5.68
C TYR B 258 9.18 48.67 5.89
N SER B 259 10.22 47.82 5.98
CA SER B 259 11.64 48.17 6.15
C SER B 259 11.93 48.91 7.48
N SER B 260 10.87 49.42 8.13
CA SER B 260 10.96 50.10 9.43
C SER B 260 11.73 49.25 10.43
N SER B 261 11.04 48.26 11.03
CA SER B 261 11.68 47.29 11.90
C SER B 261 12.77 46.50 11.17
N SER B 262 12.57 45.19 11.00
CA SER B 262 13.66 44.37 10.51
C SER B 262 13.12 43.07 9.91
N LEU B 263 13.95 42.50 9.04
CA LEU B 263 13.48 41.51 8.09
C LEU B 263 13.74 40.09 8.55
N HIS B 264 12.98 39.18 7.98
CA HIS B 264 12.84 37.79 8.38
C HIS B 264 12.75 36.99 7.10
N VAL B 265 13.53 35.92 6.98
CA VAL B 265 13.58 35.17 5.73
C VAL B 265 13.26 33.70 5.98
N LEU B 266 12.35 33.16 5.19
CA LEU B 266 11.94 31.77 5.24
C LEU B 266 12.38 31.09 3.95
N PHE B 267 13.04 29.96 4.07
CA PHE B 267 13.53 29.21 2.93
C PHE B 267 13.05 27.79 3.14
N ASN B 268 12.19 27.32 2.26
CA ASN B 268 11.49 26.06 2.45
C ASN B 268 11.56 25.29 1.14
N VAL B 269 12.06 24.06 1.19
CA VAL B 269 12.28 23.28 -0.02
C VAL B 269 11.82 21.84 0.27
N SER B 270 11.20 21.20 -0.73
CA SER B 270 10.60 19.89 -0.54
C SER B 270 11.40 18.86 -1.30
N CYS B 271 11.79 17.78 -0.61
CA CYS B 271 12.46 16.68 -1.25
C CYS B 271 11.43 15.69 -1.78
N PRO B 272 11.23 15.58 -3.07
CA PRO B 272 10.30 14.56 -3.57
C PRO B 272 10.86 13.18 -3.33
N VAL B 273 10.59 12.60 -2.15
CA VAL B 273 11.12 11.29 -1.80
C VAL B 273 10.56 10.21 -2.74
N ASP B 274 9.25 10.02 -2.72
CA ASP B 274 8.61 9.13 -3.69
C ASP B 274 7.30 9.79 -4.11
N SER B 275 6.41 9.00 -4.73
CA SER B 275 5.23 9.57 -5.37
C SER B 275 4.25 10.18 -4.37
N HIS B 276 4.28 9.71 -3.12
CA HIS B 276 3.34 10.10 -2.07
C HIS B 276 3.95 10.94 -0.96
N THR B 277 5.26 11.19 -0.96
CA THR B 277 5.91 11.61 0.28
C THR B 277 6.88 12.76 0.02
N THR B 278 7.02 13.63 1.03
CA THR B 278 8.05 14.67 1.04
C THR B 278 8.81 14.72 2.36
N LYS B 279 10.15 14.79 2.25
CA LYS B 279 11.02 15.27 3.31
C LYS B 279 11.21 16.78 3.12
N ASN B 280 10.71 17.59 4.06
CA ASN B 280 10.64 19.03 3.89
C ASN B 280 11.63 19.73 4.83
N PHE B 281 12.34 20.71 4.26
CA PHE B 281 13.39 21.47 4.91
C PHE B 281 12.98 22.93 5.07
N LEU B 282 13.12 23.47 6.27
CA LEU B 282 12.89 24.89 6.50
C LEU B 282 14.10 25.49 7.16
N ILE B 283 14.75 26.44 6.49
CA ILE B 283 15.81 27.27 7.06
C ILE B 283 15.26 28.67 7.18
N PHE B 284 15.47 29.32 8.32
CA PHE B 284 14.99 30.68 8.44
C PHE B 284 16.05 31.60 9.04
N ALA B 285 16.06 32.84 8.56
CA ALA B 285 17.05 33.83 8.95
C ALA B 285 16.32 35.02 9.53
N ARG B 286 16.96 35.68 10.50
CA ARG B 286 16.35 36.86 11.08
C ARG B 286 17.42 37.86 11.45
N GLU B 287 17.02 39.13 11.39
CA GLU B 287 17.89 40.25 11.74
C GLU B 287 17.99 40.35 13.25
N GLN B 288 16.85 40.64 13.88
CA GLN B 288 16.62 40.59 15.31
C GLN B 288 17.03 39.24 15.88
N SER B 289 18.31 39.05 16.26
CA SER B 289 18.80 37.77 16.78
C SER B 289 18.77 37.69 18.31
N ASP B 290 18.26 38.73 18.98
CA ASP B 290 18.30 38.81 20.44
C ASP B 290 17.35 37.84 21.13
N ASP B 291 16.38 37.29 20.40
CA ASP B 291 15.35 36.45 20.97
C ASP B 291 15.72 34.98 20.82
N SER B 292 14.91 34.11 21.39
CA SER B 292 15.23 32.70 21.35
C SER B 292 14.93 32.08 20.00
N ASP B 293 15.87 31.26 19.52
CA ASP B 293 15.58 30.48 18.30
C ASP B 293 14.30 29.65 18.45
N TYR B 294 14.04 29.13 19.63
CA TYR B 294 12.89 28.26 19.86
C TYR B 294 11.61 29.02 20.08
N LEU B 295 11.63 30.35 19.97
CA LEU B 295 10.39 31.11 19.90
C LEU B 295 9.81 31.03 18.50
N HIS B 296 10.70 31.14 17.50
CA HIS B 296 10.40 30.98 16.10
C HIS B 296 10.23 29.50 15.73
N ILE B 297 11.14 28.63 16.16
CA ILE B 297 11.01 27.23 15.78
C ILE B 297 9.66 26.67 16.22
N ALA B 298 9.17 27.10 17.39
CA ALA B 298 7.89 26.56 17.84
C ALA B 298 6.76 27.11 17.00
N PHE B 299 6.85 28.39 16.64
CA PHE B 299 5.81 29.01 15.84
C PHE B 299 5.70 28.35 14.48
N ASN B 300 6.84 28.21 13.78
CA ASN B 300 6.87 27.51 12.51
C ASN B 300 6.26 26.13 12.65
N ASP B 301 6.83 25.33 13.56
CA ASP B 301 6.27 24.06 13.97
C ASP B 301 4.75 24.11 14.12
N LEU B 302 4.23 25.14 14.79
CA LEU B 302 2.80 25.22 14.99
C LEU B 302 2.07 25.36 13.66
N VAL B 303 2.48 26.31 12.80
CA VAL B 303 1.74 26.52 11.55
C VAL B 303 1.87 25.30 10.65
N PHE B 304 3.01 24.62 10.67
CA PHE B 304 3.10 23.38 9.91
C PHE B 304 2.14 22.33 10.45
N ALA B 305 2.00 22.24 11.78
CA ALA B 305 1.08 21.24 12.33
C ALA B 305 -0.36 21.55 11.92
N GLU B 306 -0.68 22.83 11.72
CA GLU B 306 -2.01 23.21 11.28
C GLU B 306 -2.24 22.78 9.82
N ASP B 307 -1.24 22.86 8.96
CA ASP B 307 -1.42 22.51 7.55
C ASP B 307 -1.43 21.00 7.34
N LYS B 308 -0.50 20.30 7.98
CA LYS B 308 -0.21 18.90 7.66
C LYS B 308 -1.46 18.02 7.49
N PRO B 309 -2.43 18.00 8.39
CA PRO B 309 -3.53 17.04 8.22
C PRO B 309 -4.44 17.38 7.02
N VAL B 310 -4.61 18.67 6.69
CA VAL B 310 -5.35 19.04 5.49
C VAL B 310 -4.59 18.62 4.24
N ILE B 311 -3.35 19.06 4.09
CA ILE B 311 -2.61 18.80 2.85
C ILE B 311 -2.43 17.30 2.64
N GLU B 312 -2.23 16.56 3.73
CA GLU B 312 -2.14 15.11 3.60
C GLU B 312 -3.45 14.51 3.12
N SER B 313 -4.58 15.16 3.40
CA SER B 313 -5.89 14.61 3.06
C SER B 313 -6.24 14.70 1.57
N GLN B 314 -5.76 15.75 0.88
CA GLN B 314 -5.93 15.91 -0.55
C GLN B 314 -5.69 14.62 -1.33
N TRP B 315 -6.70 14.20 -2.08
CA TRP B 315 -6.57 13.06 -2.97
C TRP B 315 -7.27 13.38 -4.28
N PRO B 316 -6.78 12.80 -5.39
CA PRO B 316 -5.56 12.00 -5.48
C PRO B 316 -4.34 12.86 -5.12
N LYS B 317 -3.23 12.23 -4.74
CA LYS B 317 -2.12 13.00 -4.19
C LYS B 317 -1.58 14.00 -5.21
N ASP B 318 -1.55 13.63 -6.50
CA ASP B 318 -1.21 14.54 -7.59
C ASP B 318 -2.46 15.20 -8.15
N ALA B 319 -2.36 16.51 -8.44
CA ALA B 319 -3.52 17.33 -8.78
C ALA B 319 -4.13 16.92 -10.12
N PRO B 320 -5.33 16.34 -10.13
CA PRO B 320 -5.91 15.90 -11.40
C PRO B 320 -6.49 17.08 -12.15
N ALA B 321 -6.94 16.81 -13.37
CA ALA B 321 -7.36 17.87 -14.26
C ALA B 321 -8.78 18.37 -14.00
N ASP B 322 -9.48 17.82 -13.00
CA ASP B 322 -10.84 18.25 -12.70
C ASP B 322 -10.93 19.14 -11.45
N GLU B 323 -9.87 19.87 -11.09
CA GLU B 323 -9.97 20.78 -9.97
C GLU B 323 -10.47 22.14 -10.45
N VAL B 324 -11.37 22.73 -9.69
CA VAL B 324 -12.04 23.96 -10.10
C VAL B 324 -11.35 25.12 -9.41
N SER B 325 -10.84 26.07 -10.18
CA SER B 325 -10.15 27.23 -9.61
C SER B 325 -11.02 28.48 -9.69
N VAL B 326 -10.58 29.49 -8.96
CA VAL B 326 -11.16 30.82 -9.00
C VAL B 326 -9.99 31.80 -8.99
N VAL B 327 -10.31 33.10 -9.05
CA VAL B 327 -9.27 34.06 -9.41
C VAL B 327 -8.21 34.19 -8.32
N ALA B 328 -8.52 33.81 -7.08
CA ALA B 328 -7.47 33.85 -6.07
C ALA B 328 -6.39 32.81 -6.30
N ASP B 329 -6.60 31.85 -7.21
CA ASP B 329 -5.67 30.77 -7.40
C ASP B 329 -4.61 31.07 -8.48
N LYS B 330 -4.39 32.34 -8.81
CA LYS B 330 -3.44 32.67 -9.87
C LYS B 330 -2.12 31.96 -9.67
N VAL B 331 -1.52 32.07 -8.47
CA VAL B 331 -0.19 31.50 -8.23
C VAL B 331 -0.21 29.99 -8.49
N SER B 332 -1.24 29.28 -8.01
CA SER B 332 -1.24 27.83 -8.19
C SER B 332 -1.36 27.46 -9.66
N ILE B 333 -2.21 28.17 -10.41
CA ILE B 333 -2.32 27.90 -11.85
C ILE B 333 -1.01 28.21 -12.58
N GLN B 334 -0.47 29.42 -12.40
CA GLN B 334 0.79 29.77 -13.05
C GLN B 334 1.89 28.76 -12.74
N TYR B 335 1.90 28.25 -11.49
CA TYR B 335 2.87 27.23 -11.11
C TYR B 335 2.69 25.96 -11.94
N ARG B 336 1.43 25.53 -12.10
CA ARG B 336 1.16 24.30 -12.84
C ARG B 336 1.41 24.50 -14.31
N LYS B 337 1.11 25.70 -14.83
CA LYS B 337 1.39 25.98 -16.23
C LYS B 337 2.87 25.75 -16.53
N TRP B 338 3.74 26.27 -15.66
CA TRP B 338 5.18 26.22 -15.92
C TRP B 338 5.71 24.80 -15.74
N LEU B 339 5.22 24.06 -14.74
CA LEU B 339 5.69 22.69 -14.61
C LEU B 339 5.31 21.87 -15.83
N ARG B 340 4.09 22.05 -16.36
CA ARG B 340 3.74 21.34 -17.60
C ARG B 340 4.71 21.68 -18.73
N GLU B 341 4.97 22.99 -18.93
CA GLU B 341 5.93 23.39 -19.94
C GLU B 341 7.29 22.76 -19.72
N LEU B 342 7.75 22.67 -18.46
CA LEU B 342 9.03 22.03 -18.19
C LEU B 342 8.97 20.55 -18.52
N LYS B 343 7.82 19.92 -18.26
CA LYS B 343 7.59 18.54 -18.64
C LYS B 343 7.73 18.33 -20.15
N GLU B 344 6.98 19.12 -20.94
CA GLU B 344 7.03 19.03 -22.40
C GLU B 344 8.41 19.40 -22.91
N ALA B 345 8.95 20.52 -22.42
CA ALA B 345 10.28 20.95 -22.83
C ALA B 345 11.29 19.84 -22.64
N HIS B 346 11.15 19.08 -21.56
CA HIS B 346 12.08 17.99 -21.30
C HIS B 346 12.03 16.96 -22.42
N LYS B 347 10.82 16.54 -22.81
CA LYS B 347 10.69 15.54 -23.87
C LYS B 347 11.36 16.03 -25.15
N GLU B 348 11.16 17.31 -25.48
CA GLU B 348 11.77 17.85 -26.69
C GLU B 348 13.28 17.80 -26.61
N GLY B 349 13.86 18.01 -25.42
CA GLY B 349 15.28 17.81 -25.22
C GLY B 349 15.97 19.00 -24.60
N SER B 350 17.30 18.89 -24.51
CA SER B 350 18.13 19.79 -23.69
C SER B 350 17.89 21.27 -23.97
N GLN B 351 18.04 21.70 -25.23
CA GLN B 351 17.90 23.12 -25.51
C GLN B 351 16.50 23.64 -25.18
N ALA B 352 15.47 22.85 -25.53
CA ALA B 352 14.09 23.21 -25.22
C ALA B 352 13.90 23.44 -23.74
N PHE B 353 14.47 22.54 -22.92
CA PHE B 353 14.39 22.64 -21.48
C PHE B 353 15.12 23.88 -20.97
N ARG B 354 16.34 24.13 -21.46
CA ARG B 354 17.06 25.32 -21.02
C ARG B 354 16.25 26.57 -21.29
N SER B 355 15.58 26.64 -22.44
CA SER B 355 14.77 27.82 -22.72
C SER B 355 13.61 27.93 -21.75
N ALA B 356 12.81 26.85 -21.66
CA ALA B 356 11.66 26.78 -20.76
C ALA B 356 12.00 27.26 -19.35
N LEU B 357 13.14 26.82 -18.83
CA LEU B 357 13.53 27.15 -17.46
C LEU B 357 14.00 28.60 -17.33
N LEU B 358 14.81 29.08 -18.28
CA LEU B 358 15.54 30.33 -18.09
C LEU B 358 15.03 31.53 -18.87
N ASP B 359 14.26 31.33 -19.95
CA ASP B 359 13.69 32.45 -20.67
C ASP B 359 12.90 33.33 -19.69
N PRO B 360 13.14 34.62 -19.66
CA PRO B 360 12.33 35.49 -18.79
C PRO B 360 10.91 35.64 -19.30
N VAL B 361 9.97 35.76 -18.36
CA VAL B 361 8.59 36.08 -18.68
C VAL B 361 8.06 37.10 -17.68
N ILE B 362 8.32 38.39 -17.96
CA ILE B 362 8.02 39.47 -17.02
C ILE B 362 6.59 39.92 -17.19
N GLU B 363 5.88 40.05 -16.06
CA GLU B 363 4.53 40.57 -16.04
C GLU B 363 4.42 41.90 -15.31
N SER B 364 5.35 42.20 -14.41
CA SER B 364 5.30 43.41 -13.61
C SER B 364 6.15 44.50 -14.24
N ASP B 365 6.21 45.64 -13.54
CA ASP B 365 6.97 46.80 -13.97
C ASP B 365 8.42 46.78 -13.49
N ARG B 366 8.74 45.98 -12.48
CA ARG B 366 10.11 45.86 -11.99
C ARG B 366 11.07 45.60 -13.14
N SER B 367 12.27 46.17 -13.03
CA SER B 367 13.25 46.13 -14.12
C SER B 367 14.35 45.13 -13.80
N TYR B 368 14.79 44.40 -14.82
CA TYR B 368 15.77 43.34 -14.62
C TYR B 368 16.99 43.58 -15.52
N ASN C 25 5.53 -15.82 -12.74
CA ASN C 25 5.43 -16.68 -11.56
C ASN C 25 5.99 -18.09 -11.81
N ASP C 26 5.94 -18.56 -13.07
CA ASP C 26 6.49 -19.86 -13.46
C ASP C 26 8.02 -19.87 -13.34
N GLU C 27 8.60 -18.79 -12.78
CA GLU C 27 10.04 -18.68 -12.61
C GLU C 27 10.56 -19.52 -11.44
N ARG C 28 9.69 -19.87 -10.48
CA ARG C 28 10.09 -20.62 -9.30
C ARG C 28 9.46 -22.01 -9.25
N GLU C 29 8.83 -22.44 -10.35
CA GLU C 29 8.05 -23.68 -10.32
C GLU C 29 8.91 -24.91 -10.11
N TYR C 30 10.13 -24.92 -10.65
CA TYR C 30 10.98 -26.10 -10.52
C TYR C 30 11.28 -26.45 -9.07
N LEU C 31 11.20 -25.48 -8.15
CA LEU C 31 11.49 -25.74 -6.76
C LEU C 31 10.44 -26.64 -6.10
N ARG C 32 9.24 -26.73 -6.68
CA ARG C 32 8.19 -27.53 -6.06
C ARG C 32 8.54 -29.01 -6.02
N HIS C 33 9.56 -29.43 -6.76
CA HIS C 33 9.93 -30.85 -6.80
C HIS C 33 10.86 -31.27 -5.67
N PHE C 34 11.44 -30.32 -4.95
CA PHE C 34 12.31 -30.69 -3.84
C PHE C 34 11.54 -30.80 -2.54
N TRP C 35 12.10 -31.58 -1.63
CA TRP C 35 11.62 -31.58 -0.26
C TRP C 35 12.07 -30.31 0.44
N HIS C 36 11.13 -29.61 1.05
CA HIS C 36 11.50 -28.44 1.82
C HIS C 36 11.07 -28.61 3.27
N PRO C 37 11.86 -28.17 4.22
CA PRO C 37 11.43 -28.22 5.62
C PRO C 37 10.49 -27.06 5.89
N VAL C 38 9.41 -27.33 6.62
CA VAL C 38 8.44 -26.29 6.91
C VAL C 38 8.37 -25.99 8.40
N CYS C 39 8.62 -26.99 9.24
CA CYS C 39 8.56 -26.77 10.68
C CYS C 39 9.37 -27.85 11.41
N THR C 40 9.78 -27.53 12.63
CA THR C 40 10.33 -28.60 13.45
C THR C 40 9.19 -29.49 13.92
N VAL C 41 9.55 -30.69 14.40
CA VAL C 41 8.52 -31.54 14.99
C VAL C 41 7.98 -30.89 16.25
N THR C 42 8.85 -30.23 17.02
CA THR C 42 8.34 -29.66 18.26
C THR C 42 7.38 -28.51 17.96
N GLU C 43 7.60 -27.77 16.86
CA GLU C 43 6.63 -26.75 16.42
C GLU C 43 5.25 -27.37 16.23
N LEU C 44 5.17 -28.51 15.54
CA LEU C 44 3.89 -29.16 15.29
C LEU C 44 3.21 -29.57 16.58
N GLU C 45 3.99 -30.06 17.55
CA GLU C 45 3.42 -30.49 18.83
C GLU C 45 2.96 -29.28 19.66
N LYS C 46 3.73 -28.18 19.66
CA LYS C 46 3.35 -27.00 20.45
C LYS C 46 2.15 -26.27 19.86
N ALA C 47 1.87 -26.43 18.57
CA ALA C 47 0.91 -25.56 17.91
C ALA C 47 -0.54 -25.74 18.38
N HIS C 48 -0.89 -26.83 19.05
CA HIS C 48 -2.27 -27.09 19.49
C HIS C 48 -2.16 -27.94 20.74
N PRO C 49 -3.07 -27.76 21.71
CA PRO C 49 -2.93 -28.48 22.98
C PRO C 49 -3.03 -30.00 22.86
N SER C 50 -3.51 -30.52 21.73
CA SER C 50 -3.49 -31.96 21.53
C SER C 50 -2.08 -32.50 21.28
N SER C 51 -1.17 -31.67 20.78
CA SER C 51 0.15 -32.00 20.23
C SER C 51 0.06 -32.67 18.86
N LEU C 52 -1.15 -32.95 18.37
CA LEU C 52 -1.30 -33.48 17.03
C LEU C 52 -1.38 -32.40 15.95
N GLY C 53 -1.30 -31.13 16.33
CA GLY C 53 -1.60 -30.06 15.39
C GLY C 53 -3.10 -29.81 15.36
N PRO C 54 -3.61 -29.24 14.25
CA PRO C 54 -2.91 -28.82 13.02
C PRO C 54 -2.05 -27.56 13.19
N LEU C 55 -1.04 -27.39 12.34
CA LEU C 55 -0.20 -26.19 12.31
C LEU C 55 -0.16 -25.64 10.90
N ALA C 56 -0.34 -24.33 10.76
CA ALA C 56 -0.28 -23.72 9.44
C ALA C 56 1.16 -23.44 9.05
N VAL C 57 1.53 -23.83 7.83
CA VAL C 57 2.84 -23.56 7.24
C VAL C 57 2.65 -22.90 5.89
N LYS C 58 3.63 -22.09 5.49
CA LYS C 58 3.67 -21.46 4.18
C LYS C 58 4.92 -21.97 3.46
N LEU C 59 4.77 -22.45 2.23
CA LEU C 59 5.90 -22.94 1.45
C LEU C 59 5.74 -22.55 -0.01
N LEU C 60 6.73 -21.87 -0.57
CA LEU C 60 6.69 -21.44 -1.97
C LEU C 60 5.36 -20.77 -2.29
N ASN C 61 4.93 -19.89 -1.39
CA ASN C 61 3.69 -19.12 -1.46
C ASN C 61 2.45 -19.99 -1.44
N GLU C 62 2.57 -21.24 -1.04
CA GLU C 62 1.42 -22.11 -0.80
C GLU C 62 1.11 -22.11 0.69
N GLN C 63 -0.16 -21.90 1.04
CA GLN C 63 -0.60 -22.00 2.42
C GLN C 63 -0.99 -23.44 2.69
N LEU C 64 -0.28 -24.09 3.58
CA LEU C 64 -0.54 -25.49 3.88
C LEU C 64 -0.86 -25.68 5.36
N VAL C 65 -1.48 -26.81 5.65
CA VAL C 65 -1.70 -27.26 7.01
C VAL C 65 -1.02 -28.61 7.18
N VAL C 66 -0.36 -28.80 8.32
CA VAL C 66 0.26 -30.07 8.66
C VAL C 66 -0.43 -30.58 9.92
N ALA C 67 -0.73 -31.88 9.94
CA ALA C 67 -1.32 -32.51 11.11
C ALA C 67 -0.81 -33.93 11.24
N LYS C 68 -0.86 -34.47 12.47
CA LYS C 68 -0.48 -35.86 12.72
C LYS C 68 -1.73 -36.73 12.70
N LEU C 69 -1.82 -37.59 11.68
CA LEU C 69 -2.95 -38.49 11.49
C LEU C 69 -2.47 -39.91 11.73
N GLY C 70 -2.85 -40.48 12.87
CA GLY C 70 -2.37 -41.80 13.22
C GLY C 70 -0.85 -41.79 13.29
N ASP C 71 -0.21 -42.52 12.39
CA ASP C 71 1.24 -42.65 12.37
C ASP C 71 1.87 -41.82 11.27
N GLU C 72 1.08 -41.04 10.57
CA GLU C 72 1.56 -40.28 9.43
C GLU C 72 1.56 -38.81 9.81
N TYR C 73 2.52 -38.08 9.26
CA TYR C 73 2.42 -36.63 9.18
C TYR C 73 1.93 -36.30 7.77
N VAL C 74 0.72 -35.75 7.68
CA VAL C 74 0.13 -35.47 6.37
C VAL C 74 0.03 -33.96 6.19
N ALA C 75 0.03 -33.53 4.93
CA ALA C 75 0.01 -32.12 4.58
C ALA C 75 -1.04 -31.89 3.51
N MET C 76 -1.86 -30.86 3.71
CA MET C 76 -2.90 -30.49 2.76
C MET C 76 -2.87 -28.99 2.56
N ARG C 77 -3.39 -28.56 1.41
CA ARG C 77 -3.79 -27.17 1.25
C ARG C 77 -4.60 -26.75 2.47
N ASP C 78 -4.19 -25.66 3.11
CA ASP C 78 -4.95 -25.13 4.24
C ASP C 78 -6.15 -24.31 3.72
N ARG C 79 -7.06 -25.01 3.07
CA ARG C 79 -8.25 -24.35 2.50
C ARG C 79 -9.28 -25.43 2.22
N CYS C 80 -10.37 -25.41 2.98
CA CYS C 80 -11.35 -26.47 2.95
C CYS C 80 -12.19 -26.38 1.68
N ALA C 81 -12.53 -27.57 1.16
CA ALA C 81 -13.28 -27.70 -0.09
C ALA C 81 -14.66 -27.07 0.00
N HIS C 82 -15.27 -27.08 1.17
CA HIS C 82 -16.66 -26.69 1.30
C HIS C 82 -16.85 -25.19 1.09
N ARG C 83 -16.38 -24.39 2.06
CA ARG C 83 -16.58 -22.94 2.04
C ARG C 83 -15.27 -22.17 2.24
N SER C 84 -14.13 -22.85 2.12
CA SER C 84 -12.79 -22.25 2.03
C SER C 84 -12.21 -21.79 3.36
N ALA C 85 -12.77 -22.23 4.49
CA ALA C 85 -12.17 -21.96 5.77
C ALA C 85 -10.80 -22.60 5.87
N LYS C 86 -10.04 -22.21 6.88
CA LYS C 86 -8.69 -22.75 7.04
C LYS C 86 -8.71 -23.92 8.02
N LEU C 87 -8.34 -25.09 7.53
CA LEU C 87 -8.29 -26.27 8.39
C LEU C 87 -7.32 -26.13 9.54
N SER C 88 -6.35 -25.21 9.44
CA SER C 88 -5.42 -25.02 10.54
C SER C 88 -6.08 -24.44 11.79
N LEU C 89 -7.26 -23.82 11.66
CA LEU C 89 -8.10 -23.48 12.82
C LEU C 89 -8.96 -24.63 13.28
N GLY C 90 -8.78 -25.82 12.71
CA GLY C 90 -9.57 -26.97 13.07
C GLY C 90 -8.89 -27.79 14.14
N THR C 91 -9.43 -28.98 14.35
CA THR C 91 -8.94 -29.94 15.35
C THR C 91 -8.66 -31.26 14.66
N VAL C 92 -7.76 -32.03 15.27
CA VAL C 92 -7.56 -33.41 14.86
C VAL C 92 -8.59 -34.26 15.59
N SER C 93 -9.22 -35.17 14.84
CA SER C 93 -10.27 -36.05 15.35
C SER C 93 -9.94 -37.48 14.92
N GLY C 94 -9.55 -38.31 15.88
CA GLY C 94 -9.06 -39.61 15.51
C GLY C 94 -7.92 -39.55 14.51
N ASN C 95 -8.19 -40.00 13.28
CA ASN C 95 -7.16 -40.06 12.25
C ASN C 95 -7.50 -39.14 11.10
N ARG C 96 -8.28 -38.11 11.37
CA ARG C 96 -8.59 -37.12 10.35
C ARG C 96 -8.45 -35.70 10.89
N LEU C 97 -8.54 -34.75 9.97
CA LEU C 97 -8.50 -33.33 10.26
C LEU C 97 -9.88 -32.75 10.02
N GLN C 98 -10.38 -32.01 11.01
CA GLN C 98 -11.76 -31.55 11.03
C GLN C 98 -11.83 -30.04 10.79
N CYS C 99 -12.47 -29.64 9.70
CA CYS C 99 -12.63 -28.23 9.40
C CYS C 99 -13.41 -27.54 10.51
N PRO C 100 -12.98 -26.35 10.96
CA PRO C 100 -13.67 -25.69 12.08
C PRO C 100 -15.06 -25.13 11.74
N TYR C 101 -15.35 -24.81 10.48
CA TYR C 101 -16.63 -24.18 10.15
C TYR C 101 -17.77 -25.18 10.30
N HIS C 102 -17.93 -26.10 9.34
CA HIS C 102 -19.07 -27.03 9.35
C HIS C 102 -18.70 -28.47 9.64
N GLY C 103 -17.47 -28.76 10.04
CA GLY C 103 -17.15 -30.06 10.60
C GLY C 103 -16.78 -31.19 9.65
N TRP C 104 -16.45 -30.90 8.39
CA TRP C 104 -16.03 -31.95 7.46
C TRP C 104 -14.72 -32.59 7.89
N GLN C 105 -14.59 -33.88 7.67
CA GLN C 105 -13.39 -34.62 8.06
C GLN C 105 -12.61 -35.06 6.84
N TYR C 106 -11.30 -34.84 6.85
CA TYR C 106 -10.43 -35.23 5.74
C TYR C 106 -9.41 -36.25 6.22
N ASP C 107 -9.24 -37.31 5.44
CA ASP C 107 -8.33 -38.40 5.77
C ASP C 107 -6.93 -38.12 5.24
N THR C 108 -6.03 -39.10 5.43
CA THR C 108 -4.64 -38.96 5.04
C THR C 108 -4.46 -38.73 3.55
N HIS C 109 -5.49 -39.00 2.75
CA HIS C 109 -5.41 -38.82 1.32
C HIS C 109 -6.10 -37.54 0.88
N GLY C 110 -6.52 -36.73 1.85
CA GLY C 110 -7.19 -35.48 1.55
C GLY C 110 -8.61 -35.65 1.11
N ALA C 111 -9.24 -36.76 1.46
CA ALA C 111 -10.60 -37.06 1.04
C ALA C 111 -11.58 -36.80 2.17
N CYS C 112 -12.68 -36.12 1.86
CA CYS C 112 -13.73 -35.96 2.86
C CYS C 112 -14.43 -37.29 3.08
N GLN C 113 -14.55 -37.70 4.35
CA GLN C 113 -15.19 -38.95 4.73
C GLN C 113 -16.38 -38.74 5.66
N LEU C 114 -16.72 -37.51 6.00
CA LEU C 114 -17.88 -37.23 6.85
C LEU C 114 -18.35 -35.81 6.57
N VAL C 115 -19.66 -35.63 6.42
CA VAL C 115 -20.26 -34.32 6.21
C VAL C 115 -21.42 -34.21 7.20
N PRO C 116 -21.19 -33.69 8.42
CA PRO C 116 -22.22 -33.77 9.48
C PRO C 116 -23.64 -33.38 9.07
N ALA C 117 -23.82 -32.35 8.23
CA ALA C 117 -25.15 -31.84 7.94
C ALA C 117 -26.00 -32.81 7.13
N CYS C 118 -25.38 -33.77 6.43
CA CYS C 118 -26.07 -34.81 5.67
C CYS C 118 -25.22 -36.06 5.77
N PRO C 119 -25.15 -36.67 6.96
CA PRO C 119 -24.20 -37.77 7.18
C PRO C 119 -24.61 -39.04 6.47
N ASN C 120 -25.75 -39.02 5.77
CA ASN C 120 -26.28 -40.14 5.01
C ASN C 120 -26.14 -39.95 3.50
N SER C 121 -26.50 -38.77 2.98
CA SER C 121 -26.27 -38.38 1.59
C SER C 121 -24.87 -38.78 1.12
N PRO C 122 -24.65 -38.97 -0.18
CA PRO C 122 -23.30 -39.28 -0.65
C PRO C 122 -22.41 -38.04 -0.63
N ILE C 123 -21.16 -38.24 -0.20
CA ILE C 123 -20.16 -37.16 -0.20
C ILE C 123 -19.75 -36.87 -1.64
N PRO C 124 -19.70 -35.61 -2.07
CA PRO C 124 -19.35 -35.31 -3.46
C PRO C 124 -17.94 -35.77 -3.80
N ASN C 125 -17.70 -35.89 -5.09
CA ASN C 125 -16.38 -36.30 -5.56
C ASN C 125 -15.40 -35.15 -5.50
N LYS C 126 -15.89 -33.92 -5.52
CA LYS C 126 -15.02 -32.77 -5.33
C LYS C 126 -14.71 -32.49 -3.87
N ALA C 127 -15.32 -33.20 -2.92
CA ALA C 127 -15.01 -33.04 -1.50
C ALA C 127 -13.65 -33.62 -1.15
N LYS C 128 -12.61 -33.04 -1.74
CA LYS C 128 -11.23 -33.43 -1.49
C LYS C 128 -10.40 -32.16 -1.54
N VAL C 129 -9.29 -32.16 -0.79
CA VAL C 129 -8.31 -31.09 -0.86
C VAL C 129 -6.94 -31.70 -1.17
N ASP C 130 -6.13 -30.93 -1.91
CA ASP C 130 -4.86 -31.47 -2.38
C ASP C 130 -4.00 -31.96 -1.22
N ARG C 131 -3.31 -33.05 -1.45
CA ARG C 131 -2.48 -33.70 -0.44
C ARG C 131 -1.07 -33.78 -0.99
N PHE C 132 -0.08 -33.57 -0.12
CA PHE C 132 1.29 -33.37 -0.55
C PHE C 132 2.22 -34.28 0.23
N ASP C 133 3.17 -34.88 -0.48
CA ASP C 133 4.15 -35.75 0.16
C ASP C 133 4.72 -35.05 1.37
N CYS C 134 4.64 -35.71 2.52
CA CYS C 134 5.05 -35.09 3.76
C CYS C 134 5.60 -36.14 4.70
N GLU C 135 6.88 -36.04 5.03
CA GLU C 135 7.49 -37.05 5.86
C GLU C 135 8.47 -36.41 6.84
N GLU C 136 8.52 -36.94 8.05
CA GLU C 136 9.40 -36.38 9.07
C GLU C 136 10.82 -36.93 8.94
N ARG C 137 11.82 -36.08 9.13
CA ARG C 137 13.19 -36.57 9.19
C ARG C 137 14.06 -35.57 9.93
N TYR C 138 14.92 -36.07 10.82
CA TYR C 138 15.88 -35.33 11.62
C TYR C 138 15.23 -34.47 12.68
N GLY C 139 13.93 -34.63 12.91
CA GLY C 139 13.19 -33.75 13.78
C GLY C 139 12.51 -32.61 13.07
N LEU C 140 12.48 -32.64 11.74
CA LEU C 140 11.82 -31.63 10.92
C LEU C 140 10.71 -32.29 10.13
N ILE C 141 9.72 -31.50 9.73
CA ILE C 141 8.66 -31.95 8.83
C ILE C 141 8.96 -31.39 7.45
N TRP C 142 9.08 -32.28 6.47
CA TRP C 142 9.47 -31.95 5.10
C TRP C 142 8.30 -32.18 4.16
N ILE C 143 8.17 -31.33 3.15
CA ILE C 143 7.06 -31.38 2.19
C ILE C 143 7.60 -31.34 0.77
N ARG C 144 7.04 -32.19 -0.11
CA ARG C 144 7.33 -32.16 -1.55
C ARG C 144 6.05 -31.85 -2.32
N LEU C 145 5.96 -30.64 -2.85
CA LEU C 145 4.70 -30.21 -3.45
C LEU C 145 4.42 -30.92 -4.75
N ASP C 146 5.46 -31.29 -5.50
CA ASP C 146 5.31 -32.00 -6.77
C ASP C 146 6.13 -33.27 -6.70
N SER C 147 5.47 -34.41 -6.89
CA SER C 147 6.14 -35.70 -6.86
C SER C 147 6.15 -36.37 -8.21
N SER C 148 5.76 -35.66 -9.27
CA SER C 148 5.60 -36.30 -10.56
C SER C 148 6.92 -36.70 -11.20
N PHE C 149 8.05 -36.17 -10.72
CA PHE C 149 9.34 -36.55 -11.28
C PHE C 149 10.01 -37.69 -10.53
N ASP C 150 9.69 -37.88 -9.25
CA ASP C 150 10.13 -39.01 -8.44
C ASP C 150 11.64 -39.26 -8.55
N CYS C 151 12.41 -38.24 -8.19
CA CYS C 151 13.86 -38.37 -8.18
C CYS C 151 14.53 -37.53 -7.10
N THR C 152 13.77 -36.89 -6.23
CA THR C 152 14.29 -35.99 -5.21
C THR C 152 14.13 -36.66 -3.84
N GLU C 153 15.02 -36.30 -2.93
CA GLU C 153 14.99 -36.88 -1.60
C GLU C 153 15.35 -35.84 -0.57
N ILE C 154 14.93 -36.10 0.67
CA ILE C 154 15.24 -35.24 1.81
C ILE C 154 16.74 -35.04 1.87
N PRO C 155 17.20 -33.81 2.09
CA PRO C 155 18.63 -33.55 2.26
C PRO C 155 19.34 -34.50 3.21
N TYR C 156 20.67 -34.51 3.08
CA TYR C 156 21.51 -35.46 3.78
C TYR C 156 22.17 -34.78 4.99
N PHE C 157 21.80 -35.23 6.19
CA PHE C 157 22.43 -34.81 7.44
C PHE C 157 23.47 -35.85 7.83
N SER C 158 24.75 -35.47 7.81
CA SER C 158 25.79 -36.46 8.03
C SER C 158 25.69 -37.13 9.40
N ALA C 159 25.14 -36.43 10.40
CA ALA C 159 25.31 -36.84 11.78
C ALA C 159 24.14 -37.63 12.37
N ALA C 160 23.08 -37.88 11.60
CA ALA C 160 22.14 -38.90 12.04
C ALA C 160 22.86 -40.25 12.11
N ASN C 161 22.28 -41.19 12.87
CA ASN C 161 22.93 -42.42 13.30
C ASN C 161 23.96 -42.15 14.40
N ASP C 162 25.12 -41.59 14.00
CA ASP C 162 26.37 -41.43 14.75
C ASP C 162 26.17 -41.26 16.26
N PRO C 163 26.26 -42.36 17.03
CA PRO C 163 26.02 -42.25 18.48
C PRO C 163 27.16 -41.59 19.23
N ARG C 164 28.29 -41.32 18.58
CA ARG C 164 29.31 -40.48 19.18
C ARG C 164 28.86 -39.03 19.34
N LEU C 165 27.66 -38.69 18.84
CA LEU C 165 27.28 -37.31 18.59
C LEU C 165 26.03 -36.92 19.39
N ARG C 166 26.03 -35.66 19.83
CA ARG C 166 24.87 -35.03 20.44
C ARG C 166 24.28 -34.05 19.44
N ILE C 167 22.97 -34.14 19.18
CA ILE C 167 22.33 -33.35 18.13
C ILE C 167 21.34 -32.38 18.75
N VAL C 168 21.61 -31.07 18.60
CA VAL C 168 20.71 -29.99 19.01
C VAL C 168 19.96 -29.45 17.80
N ILE C 169 18.64 -29.25 17.91
CA ILE C 169 17.83 -28.65 16.85
C ILE C 169 17.44 -27.24 17.28
N GLN C 170 18.07 -26.21 16.70
CA GLN C 170 17.75 -24.83 17.10
C GLN C 170 16.35 -24.43 16.64
N GLU C 171 15.76 -23.46 17.34
CA GLU C 171 14.47 -22.95 16.90
C GLU C 171 14.60 -22.25 15.55
N PRO C 172 13.62 -22.39 14.67
CA PRO C 172 13.72 -21.75 13.35
C PRO C 172 13.97 -20.27 13.49
N TYR C 173 14.86 -19.74 12.65
CA TYR C 173 15.11 -18.30 12.58
C TYR C 173 14.68 -17.76 11.21
N TRP C 174 13.88 -16.69 11.23
CA TRP C 174 13.37 -16.07 10.00
C TRP C 174 14.22 -14.88 9.58
N TRP C 175 14.47 -14.77 8.27
CA TRP C 175 15.14 -13.64 7.65
C TRP C 175 14.30 -13.10 6.50
N ASP C 176 14.49 -11.81 6.23
CA ASP C 176 13.84 -11.16 5.09
C ASP C 176 14.79 -11.18 3.89
N ALA C 177 15.00 -12.40 3.38
CA ALA C 177 15.93 -12.65 2.29
C ALA C 177 15.59 -14.01 1.72
N THR C 178 15.99 -14.24 0.47
CA THR C 178 15.61 -15.44 -0.24
C THR C 178 16.55 -16.61 0.05
N ALA C 179 16.04 -17.82 -0.19
CA ALA C 179 16.76 -19.03 0.19
C ALA C 179 18.09 -19.12 -0.52
N GLU C 180 18.16 -18.65 -1.77
CA GLU C 180 19.43 -18.66 -2.48
C GLU C 180 20.43 -17.72 -1.81
N ARG C 181 20.04 -16.47 -1.57
CA ARG C 181 20.96 -15.55 -0.93
C ARG C 181 21.36 -16.06 0.46
N ARG C 182 20.41 -16.64 1.19
CA ARG C 182 20.75 -17.30 2.44
C ARG C 182 21.83 -18.34 2.20
N TRP C 183 21.63 -19.18 1.17
CA TRP C 183 22.56 -20.24 0.86
C TRP C 183 23.95 -19.70 0.54
N GLU C 184 24.02 -18.76 -0.41
CA GLU C 184 25.31 -18.17 -0.76
C GLU C 184 25.97 -17.52 0.43
N ASN C 185 25.19 -16.96 1.35
CA ASN C 185 25.79 -16.43 2.57
C ASN C 185 26.46 -17.55 3.36
N PHE C 186 25.76 -18.68 3.53
CA PHE C 186 26.28 -19.73 4.40
C PHE C 186 27.62 -20.27 3.89
N THR C 187 27.76 -20.42 2.58
CA THR C 187 28.95 -20.97 1.95
C THR C 187 29.99 -19.92 1.62
N ASP C 188 29.85 -18.69 2.10
CA ASP C 188 30.74 -17.63 1.70
C ASP C 188 31.99 -17.63 2.57
N PHE C 189 33.10 -17.18 1.99
CA PHE C 189 34.38 -17.10 2.66
C PHE C 189 34.92 -15.69 2.75
N SER C 190 34.60 -14.84 1.78
CA SER C 190 35.22 -13.53 1.72
C SER C 190 34.69 -12.59 2.79
N HIS C 191 33.55 -12.90 3.40
CA HIS C 191 32.90 -11.93 4.27
C HIS C 191 33.38 -11.97 5.71
N PHE C 192 33.96 -13.10 6.14
CA PHE C 192 34.34 -13.29 7.53
C PHE C 192 35.00 -12.04 8.12
N ALA C 193 35.92 -11.43 7.38
CA ALA C 193 36.68 -10.32 7.91
C ALA C 193 35.83 -9.09 8.20
N PHE C 194 34.68 -8.95 7.57
CA PHE C 194 33.98 -7.68 7.62
C PHE C 194 32.69 -7.72 8.39
N ILE C 195 31.98 -8.85 8.42
CA ILE C 195 30.82 -8.94 9.28
C ILE C 195 31.04 -9.87 10.46
N HIS C 196 32.08 -10.70 10.46
CA HIS C 196 32.41 -11.56 11.60
C HIS C 196 33.86 -11.36 12.06
N PRO C 197 34.29 -10.12 12.28
CA PRO C 197 35.71 -9.94 12.62
C PRO C 197 36.08 -10.62 13.93
N GLY C 198 35.24 -10.51 14.95
CA GLY C 198 35.52 -11.09 16.24
C GLY C 198 34.92 -12.45 16.49
N THR C 199 34.40 -13.12 15.48
CA THR C 199 33.76 -14.40 15.77
C THR C 199 34.22 -15.53 14.85
N LEU C 200 34.52 -15.25 13.58
CA LEU C 200 34.96 -16.27 12.65
C LEU C 200 36.23 -15.96 11.88
N PHE C 201 36.71 -14.73 11.91
CA PHE C 201 37.83 -14.35 11.05
C PHE C 201 39.14 -14.86 11.64
N ASP C 202 39.89 -15.63 10.83
CA ASP C 202 41.25 -16.03 11.20
C ASP C 202 42.24 -15.14 10.46
N PRO C 203 43.06 -14.34 11.17
CA PRO C 203 44.01 -13.46 10.47
C PRO C 203 45.12 -14.24 9.74
N ASN C 204 45.46 -15.44 10.21
CA ASN C 204 46.38 -16.30 9.49
C ASN C 204 45.74 -16.82 8.20
N ASN C 205 44.61 -17.52 8.33
CA ASN C 205 43.82 -17.97 7.18
C ASN C 205 42.92 -16.83 6.70
N ALA C 206 43.57 -15.71 6.32
CA ALA C 206 42.85 -14.48 6.03
C ALA C 206 42.29 -14.41 4.61
N GLU C 207 42.89 -15.12 3.64
CA GLU C 207 42.44 -14.92 2.28
C GLU C 207 41.88 -16.20 1.67
N PRO C 208 40.81 -16.10 0.89
CA PRO C 208 39.95 -17.29 0.64
C PRO C 208 40.54 -18.18 -0.44
N PRO C 209 40.38 -19.49 -0.31
CA PRO C 209 40.88 -20.41 -1.32
C PRO C 209 39.85 -20.63 -2.42
N ILE C 210 40.36 -21.07 -3.57
CA ILE C 210 39.54 -21.61 -4.63
C ILE C 210 39.76 -23.12 -4.63
N VAL C 211 38.68 -23.88 -4.61
CA VAL C 211 38.77 -25.30 -4.32
C VAL C 211 37.86 -26.09 -5.25
N PRO C 212 38.28 -27.27 -5.72
CA PRO C 212 37.42 -28.07 -6.60
C PRO C 212 36.05 -28.33 -5.98
N MET C 213 35.03 -28.29 -6.83
CA MET C 213 33.67 -28.60 -6.43
C MET C 213 33.15 -29.74 -7.30
N ASP C 214 32.62 -30.78 -6.65
CA ASP C 214 32.03 -31.94 -7.32
C ASP C 214 30.52 -31.86 -7.25
N ARG C 215 29.87 -32.30 -8.31
CA ARG C 215 28.46 -32.65 -8.27
C ARG C 215 28.36 -34.16 -8.12
N PHE C 216 27.78 -34.61 -7.01
CA PHE C 216 27.58 -36.05 -6.87
C PHE C 216 26.24 -36.32 -6.22
N ASN C 217 25.47 -37.23 -6.80
CA ASN C 217 24.18 -37.66 -6.25
C ASN C 217 23.32 -36.44 -5.89
N GLY C 218 23.31 -35.45 -6.77
CA GLY C 218 22.53 -34.24 -6.52
C GLY C 218 23.02 -33.38 -5.38
N GLN C 219 24.32 -33.38 -5.08
CA GLN C 219 24.87 -32.53 -4.03
C GLN C 219 26.17 -31.90 -4.49
N PHE C 220 26.42 -30.69 -3.99
CA PHE C 220 27.71 -30.04 -4.16
C PHE C 220 28.61 -30.51 -3.02
N ARG C 221 29.84 -30.93 -3.36
CA ARG C 221 30.81 -31.37 -2.37
C ARG C 221 32.08 -30.56 -2.56
N PHE C 222 32.65 -30.08 -1.46
CA PHE C 222 33.94 -29.41 -1.48
C PHE C 222 34.49 -29.37 -0.07
N VAL C 223 35.81 -29.22 0.04
CA VAL C 223 36.52 -29.36 1.30
C VAL C 223 37.54 -28.25 1.45
N TYR C 224 37.85 -27.90 2.71
CA TYR C 224 38.79 -26.83 3.06
C TYR C 224 39.90 -27.35 3.96
N ASP C 225 41.05 -26.67 3.92
CA ASP C 225 42.19 -27.00 4.78
C ASP C 225 43.06 -25.76 4.99
N SER C 240 40.22 -27.96 7.80
CA SER C 240 39.57 -29.24 7.54
C SER C 240 38.04 -29.16 7.59
N PHE C 241 37.42 -28.49 6.60
CA PHE C 241 35.97 -28.23 6.54
C PHE C 241 35.38 -28.95 5.33
N SER C 242 34.53 -29.96 5.54
CA SER C 242 33.94 -30.71 4.43
C SER C 242 32.46 -30.37 4.25
N TYR C 243 32.12 -29.81 3.09
CA TYR C 243 30.76 -29.41 2.76
C TYR C 243 30.08 -30.46 1.89
N THR C 244 28.88 -30.85 2.29
CA THR C 244 27.98 -31.62 1.45
C THR C 244 26.66 -30.86 1.38
N CYS C 245 26.21 -30.53 0.17
CA CYS C 245 25.12 -29.58 -0.03
C CYS C 245 24.01 -30.19 -0.87
N SER C 246 23.02 -30.83 -0.23
CA SER C 246 21.90 -31.39 -0.99
C SER C 246 21.10 -30.24 -1.61
N MET C 247 21.02 -30.21 -2.94
CA MET C 247 20.43 -29.07 -3.60
C MET C 247 18.91 -29.01 -3.41
N PRO C 248 18.34 -27.79 -3.38
CA PRO C 248 18.99 -26.48 -3.57
C PRO C 248 19.44 -25.69 -2.31
N PHE C 249 18.79 -25.90 -1.16
CA PHE C 249 18.93 -24.94 -0.07
C PHE C 249 19.46 -25.56 1.21
N ALA C 250 20.11 -26.72 1.13
CA ALA C 250 20.59 -27.42 2.31
C ALA C 250 22.11 -27.47 2.31
N ILE C 251 22.70 -27.40 3.51
CA ILE C 251 24.15 -27.40 3.67
C ILE C 251 24.52 -28.26 4.87
N ASN C 252 25.37 -29.27 4.62
CA ASN C 252 25.91 -30.13 5.68
C ASN C 252 27.41 -29.90 5.76
N LEU C 253 27.86 -29.25 6.81
CA LEU C 253 29.25 -28.85 6.96
C LEU C 253 29.87 -29.59 8.13
N GLU C 254 30.94 -30.34 7.87
CA GLU C 254 31.68 -31.09 8.88
C GLU C 254 32.99 -30.37 9.16
N VAL C 255 33.30 -30.17 10.44
CA VAL C 255 34.49 -29.45 10.87
C VAL C 255 35.30 -30.37 11.77
N SER C 256 36.50 -30.73 11.31
CA SER C 256 37.50 -31.45 12.09
C SER C 256 38.55 -30.43 12.54
N LYS C 257 38.24 -29.76 13.67
CA LYS C 257 38.97 -28.57 14.11
C LYS C 257 40.45 -28.88 14.36
N TYR C 258 41.29 -27.83 14.23
CA TYR C 258 42.75 -27.92 14.35
C TYR C 258 43.21 -28.03 15.81
N SER C 259 42.34 -28.50 16.70
CA SER C 259 42.58 -28.49 18.15
C SER C 259 42.78 -29.87 18.77
N SER C 260 41.96 -30.86 18.38
CA SER C 260 42.03 -32.22 18.91
C SER C 260 41.28 -33.15 17.95
N SER C 261 40.79 -34.28 18.46
CA SER C 261 39.92 -35.18 17.70
C SER C 261 38.50 -35.06 18.24
N SER C 262 37.90 -33.89 17.95
CA SER C 262 36.55 -33.53 18.41
C SER C 262 35.78 -32.93 17.22
N LEU C 263 34.87 -33.72 16.65
CA LEU C 263 34.12 -33.38 15.45
C LEU C 263 32.97 -32.43 15.74
N HIS C 264 32.60 -31.64 14.73
CA HIS C 264 31.49 -30.69 14.80
C HIS C 264 30.78 -30.68 13.46
N VAL C 265 29.44 -30.78 13.46
CA VAL C 265 28.65 -30.76 12.23
C VAL C 265 27.55 -29.70 12.33
N LEU C 266 27.40 -28.90 11.27
CA LEU C 266 26.31 -27.94 11.17
C LEU C 266 25.48 -28.22 9.93
N PHE C 267 24.16 -28.31 10.14
CA PHE C 267 23.20 -28.65 9.10
C PHE C 267 22.20 -27.50 9.05
N ASN C 268 22.22 -26.76 7.95
CA ASN C 268 21.45 -25.54 7.82
C ASN C 268 20.67 -25.61 6.52
N VAL C 269 19.41 -25.22 6.55
CA VAL C 269 18.54 -25.38 5.39
C VAL C 269 17.44 -24.33 5.46
N SER C 270 17.08 -23.80 4.29
CA SER C 270 16.20 -22.64 4.18
C SER C 270 14.88 -23.06 3.57
N CYS C 271 13.80 -22.85 4.31
CA CYS C 271 12.48 -22.98 3.73
C CYS C 271 12.15 -21.72 2.93
N PRO C 272 11.96 -21.81 1.61
CA PRO C 272 11.53 -20.62 0.87
C PRO C 272 10.05 -20.39 1.09
N VAL C 273 9.70 -19.54 2.06
CA VAL C 273 8.28 -19.46 2.34
C VAL C 273 7.55 -18.54 1.35
N ASP C 274 8.20 -17.51 0.84
CA ASP C 274 7.60 -16.75 -0.26
C ASP C 274 8.72 -16.15 -1.11
N SER C 275 8.39 -15.08 -1.83
CA SER C 275 9.34 -14.44 -2.73
C SER C 275 10.41 -13.65 -2.01
N HIS C 276 10.20 -13.32 -0.74
CA HIS C 276 11.07 -12.38 -0.05
C HIS C 276 11.63 -12.90 1.26
N THR C 277 11.08 -13.98 1.81
CA THR C 277 11.41 -14.37 3.18
C THR C 277 11.75 -15.84 3.23
N THR C 278 12.66 -16.19 4.16
CA THR C 278 12.97 -17.57 4.50
C THR C 278 12.66 -17.88 5.96
N LYS C 279 12.29 -19.14 6.20
CA LYS C 279 12.23 -19.74 7.54
C LYS C 279 13.37 -20.75 7.62
N ASN C 280 14.42 -20.42 8.35
CA ASN C 280 15.65 -21.21 8.32
C ASN C 280 15.79 -22.08 9.56
N PHE C 281 16.39 -23.25 9.35
CA PHE C 281 16.57 -24.25 10.39
C PHE C 281 18.07 -24.54 10.54
N LEU C 282 18.46 -24.81 11.78
CA LEU C 282 19.84 -25.21 12.04
C LEU C 282 19.84 -26.35 13.05
N ILE C 283 20.33 -27.50 12.62
CA ILE C 283 20.58 -28.64 13.49
C ILE C 283 22.09 -28.77 13.59
N PHE C 284 22.63 -28.86 14.80
CA PHE C 284 24.07 -28.96 14.95
C PHE C 284 24.44 -30.10 15.88
N ALA C 285 25.49 -30.84 15.51
CA ALA C 285 25.94 -32.00 16.26
C ALA C 285 27.40 -31.85 16.64
N ARG C 286 27.74 -32.33 17.83
CA ARG C 286 29.11 -32.24 18.35
C ARG C 286 29.48 -33.52 19.09
N GLU C 287 30.76 -33.88 19.01
CA GLU C 287 31.24 -35.08 19.70
C GLU C 287 31.77 -34.74 21.07
N GLN C 288 32.42 -33.58 21.24
CA GLN C 288 32.75 -33.09 22.59
C GLN C 288 31.44 -32.54 23.16
N SER C 289 30.76 -33.36 23.96
CA SER C 289 29.39 -33.09 24.38
C SER C 289 29.23 -32.95 25.88
N ASP C 290 30.32 -32.61 26.59
CA ASP C 290 30.23 -32.42 28.03
C ASP C 290 29.88 -30.99 28.42
N ASP C 291 29.72 -30.10 27.45
CA ASP C 291 29.42 -28.70 27.67
C ASP C 291 27.93 -28.46 27.51
N SER C 292 27.52 -27.21 27.75
CA SER C 292 26.13 -26.83 27.59
C SER C 292 25.77 -26.63 26.13
N ASP C 293 24.54 -27.03 25.77
CA ASP C 293 24.02 -26.70 24.46
C ASP C 293 23.97 -25.18 24.25
N TYR C 294 23.60 -24.43 25.28
CA TYR C 294 23.42 -23.00 25.09
C TYR C 294 24.72 -22.26 24.81
N LEU C 295 25.87 -22.90 25.08
CA LEU C 295 27.14 -22.31 24.70
C LEU C 295 27.24 -22.16 23.19
N HIS C 296 26.83 -23.21 22.45
CA HIS C 296 26.87 -23.19 21.00
C HIS C 296 25.67 -22.48 20.40
N ILE C 297 24.52 -22.51 21.07
CA ILE C 297 23.35 -21.83 20.56
C ILE C 297 23.57 -20.32 20.54
N ALA C 298 24.13 -19.77 21.62
CA ALA C 298 24.43 -18.34 21.64
C ALA C 298 25.38 -17.97 20.53
N PHE C 299 26.50 -18.70 20.40
CA PHE C 299 27.48 -18.34 19.38
C PHE C 299 26.88 -18.44 17.99
N ASN C 300 26.21 -19.55 17.69
CA ASN C 300 25.46 -19.66 16.45
C ASN C 300 24.57 -18.45 16.23
N ASP C 301 23.74 -18.12 17.23
CA ASP C 301 22.83 -16.99 17.10
C ASP C 301 23.59 -15.71 16.83
N LEU C 302 24.79 -15.56 17.40
CA LEU C 302 25.49 -14.32 17.21
C LEU C 302 25.97 -14.18 15.77
N VAL C 303 26.54 -15.24 15.19
CA VAL C 303 26.99 -15.12 13.80
C VAL C 303 25.80 -14.82 12.90
N PHE C 304 24.64 -15.41 13.20
CA PHE C 304 23.45 -15.15 12.38
C PHE C 304 22.98 -13.72 12.55
N ALA C 305 23.05 -13.19 13.78
CA ALA C 305 22.71 -11.79 14.01
C ALA C 305 23.59 -10.88 13.18
N GLU C 306 24.86 -11.25 12.97
CA GLU C 306 25.77 -10.39 12.23
C GLU C 306 25.47 -10.44 10.74
N ASP C 307 25.16 -11.63 10.20
CA ASP C 307 24.82 -11.78 8.80
C ASP C 307 23.55 -11.01 8.46
N LYS C 308 22.51 -11.20 9.29
CA LYS C 308 21.11 -10.87 8.99
C LYS C 308 20.94 -9.48 8.40
N PRO C 309 21.31 -8.39 9.07
CA PRO C 309 21.01 -7.08 8.49
C PRO C 309 21.62 -6.91 7.11
N VAL C 310 22.79 -7.52 6.87
CA VAL C 310 23.48 -7.34 5.61
C VAL C 310 22.79 -8.14 4.51
N ILE C 311 22.58 -9.43 4.75
CA ILE C 311 21.95 -10.27 3.74
C ILE C 311 20.55 -9.75 3.44
N GLU C 312 19.84 -9.31 4.48
CA GLU C 312 18.52 -8.72 4.30
C GLU C 312 18.60 -7.44 3.49
N SER C 313 19.69 -6.68 3.62
CA SER C 313 19.82 -5.43 2.90
C SER C 313 19.91 -5.63 1.38
N GLN C 314 20.42 -6.79 0.94
CA GLN C 314 20.65 -7.05 -0.47
C GLN C 314 19.36 -6.90 -1.28
N TRP C 315 19.42 -6.02 -2.28
CA TRP C 315 18.32 -5.81 -3.22
C TRP C 315 18.77 -5.72 -4.70
N PRO C 316 17.94 -6.21 -5.62
CA PRO C 316 16.69 -6.97 -5.46
C PRO C 316 16.90 -8.25 -4.67
N LYS C 317 15.85 -8.72 -3.99
CA LYS C 317 15.98 -9.92 -3.18
C LYS C 317 16.53 -11.09 -4.00
N ASP C 318 16.18 -11.17 -5.29
CA ASP C 318 16.69 -12.20 -6.20
C ASP C 318 17.82 -11.66 -7.07
N ALA C 319 18.94 -12.40 -7.11
CA ALA C 319 20.19 -11.96 -7.74
C ALA C 319 20.06 -11.63 -9.23
N PRO C 320 20.21 -10.37 -9.61
CA PRO C 320 20.06 -10.00 -11.02
C PRO C 320 21.33 -10.28 -11.83
N ALA C 321 21.20 -10.14 -13.16
CA ALA C 321 22.30 -10.43 -14.08
C ALA C 321 23.47 -9.47 -13.93
N ASP C 322 23.27 -8.24 -13.47
CA ASP C 322 24.34 -7.26 -13.44
C ASP C 322 25.17 -7.31 -12.15
N GLU C 323 25.29 -8.46 -11.51
CA GLU C 323 26.18 -8.57 -10.37
C GLU C 323 27.58 -8.94 -10.86
N VAL C 324 28.58 -8.21 -10.38
CA VAL C 324 29.97 -8.34 -10.82
C VAL C 324 30.69 -9.31 -9.89
N SER C 325 31.02 -10.53 -10.37
CA SER C 325 31.78 -11.42 -9.51
C SER C 325 33.30 -11.22 -9.69
N VAL C 326 34.06 -11.74 -8.72
CA VAL C 326 35.49 -11.90 -8.87
C VAL C 326 35.83 -13.37 -8.66
N VAL C 327 37.13 -13.66 -8.70
CA VAL C 327 37.55 -15.06 -8.77
C VAL C 327 37.12 -15.82 -7.51
N ALA C 328 37.14 -15.14 -6.36
CA ALA C 328 36.80 -15.78 -5.09
C ALA C 328 35.34 -16.20 -4.98
N ASP C 329 34.45 -15.76 -5.89
CA ASP C 329 33.05 -16.13 -5.88
C ASP C 329 32.78 -17.43 -6.62
N LYS C 330 33.71 -18.39 -6.56
CA LYS C 330 33.52 -19.63 -7.32
C LYS C 330 32.27 -20.37 -6.86
N VAL C 331 32.16 -20.61 -5.55
CA VAL C 331 31.01 -21.35 -5.02
C VAL C 331 29.70 -20.67 -5.42
N SER C 332 29.62 -19.34 -5.25
CA SER C 332 28.45 -18.59 -5.69
C SER C 332 28.11 -18.89 -7.13
N ILE C 333 29.10 -18.74 -8.03
CA ILE C 333 28.86 -18.82 -9.47
C ILE C 333 28.55 -20.24 -9.91
N GLN C 334 29.15 -21.23 -9.26
CA GLN C 334 28.82 -22.61 -9.61
C GLN C 334 27.43 -23.00 -9.11
N TYR C 335 27.08 -22.55 -7.90
CA TYR C 335 25.73 -22.75 -7.38
C TYR C 335 24.70 -22.10 -8.29
N ARG C 336 24.91 -20.84 -8.68
CA ARG C 336 23.95 -20.18 -9.55
C ARG C 336 23.88 -20.86 -10.91
N LYS C 337 25.03 -21.33 -11.41
CA LYS C 337 25.01 -22.00 -12.70
C LYS C 337 24.22 -23.32 -12.61
N TRP C 338 24.38 -24.07 -11.52
CA TRP C 338 23.67 -25.33 -11.40
C TRP C 338 22.17 -25.10 -11.28
N LEU C 339 21.75 -24.13 -10.47
CA LEU C 339 20.33 -23.81 -10.40
C LEU C 339 19.76 -23.52 -11.79
N ARG C 340 20.50 -22.79 -12.62
CA ARG C 340 19.99 -22.46 -13.95
C ARG C 340 19.78 -23.71 -14.79
N GLU C 341 20.72 -24.66 -14.72
CA GLU C 341 20.51 -25.92 -15.42
C GLU C 341 19.30 -26.65 -14.88
N LEU C 342 19.16 -26.65 -13.55
CA LEU C 342 17.99 -27.27 -12.94
C LEU C 342 16.71 -26.59 -13.37
N LYS C 343 16.72 -25.25 -13.45
CA LYS C 343 15.55 -24.53 -13.92
C LYS C 343 15.18 -24.96 -15.33
N GLU C 344 16.16 -24.98 -16.25
CA GLU C 344 15.82 -25.22 -17.64
C GLU C 344 15.65 -26.71 -17.93
N ALA C 345 16.30 -27.57 -17.15
CA ALA C 345 15.97 -28.99 -17.23
C ALA C 345 14.51 -29.23 -16.88
N HIS C 346 13.95 -28.40 -15.99
CA HIS C 346 12.58 -28.61 -15.53
C HIS C 346 11.59 -28.44 -16.66
N LYS C 347 11.80 -27.44 -17.54
CA LYS C 347 10.84 -27.22 -18.60
C LYS C 347 10.90 -28.32 -19.64
N GLU C 348 12.07 -28.97 -19.77
CA GLU C 348 12.22 -30.10 -20.67
C GLU C 348 11.30 -31.24 -20.27
N GLY C 349 11.41 -31.70 -19.04
CA GLY C 349 10.54 -32.74 -18.53
C GLY C 349 11.24 -33.59 -17.49
N SER C 350 10.59 -34.69 -17.15
CA SER C 350 11.01 -35.56 -16.05
C SER C 350 12.48 -35.93 -16.14
N GLN C 351 12.86 -36.68 -17.18
CA GLN C 351 14.17 -37.31 -17.16
C GLN C 351 15.28 -36.33 -17.46
N ALA C 352 14.99 -35.22 -18.16
CA ALA C 352 15.98 -34.17 -18.32
C ALA C 352 16.38 -33.58 -16.98
N PHE C 353 15.39 -33.28 -16.13
CA PHE C 353 15.64 -32.83 -14.77
C PHE C 353 16.52 -33.85 -14.02
N ARG C 354 16.05 -35.10 -13.93
CA ARG C 354 16.78 -36.10 -13.16
C ARG C 354 18.24 -36.18 -13.59
N SER C 355 18.51 -36.04 -14.89
CA SER C 355 19.89 -35.97 -15.35
C SER C 355 20.60 -34.78 -14.70
N ALA C 356 20.09 -33.57 -14.97
CA ALA C 356 20.74 -32.36 -14.49
C ALA C 356 20.98 -32.42 -12.99
N LEU C 357 20.05 -33.02 -12.25
CA LEU C 357 20.19 -33.04 -10.81
C LEU C 357 21.19 -34.10 -10.36
N LEU C 358 21.02 -35.34 -10.84
CA LEU C 358 21.73 -36.48 -10.24
C LEU C 358 23.02 -36.87 -10.96
N ASP C 359 23.18 -36.53 -12.24
CA ASP C 359 24.40 -36.85 -12.98
C ASP C 359 25.64 -36.39 -12.21
N PRO C 360 26.60 -37.27 -11.93
CA PRO C 360 27.84 -36.83 -11.28
C PRO C 360 28.67 -35.98 -12.22
N VAL C 361 29.42 -35.04 -11.64
CA VAL C 361 30.33 -34.14 -12.34
C VAL C 361 31.48 -33.82 -11.40
N ILE C 362 32.51 -34.65 -11.40
CA ILE C 362 33.55 -34.58 -10.38
C ILE C 362 34.75 -33.82 -10.92
N GLU C 363 35.33 -32.98 -10.07
CA GLU C 363 36.38 -32.04 -10.40
C GLU C 363 37.64 -32.24 -9.57
N SER C 364 37.57 -32.99 -8.48
CA SER C 364 38.70 -33.28 -7.61
C SER C 364 39.12 -34.74 -7.78
N ASP C 365 40.17 -35.13 -7.07
CA ASP C 365 40.60 -36.53 -7.06
C ASP C 365 40.12 -37.17 -5.76
N ARG C 366 38.85 -37.54 -5.72
CA ARG C 366 38.31 -38.30 -4.60
C ARG C 366 37.41 -39.40 -5.13
N SER C 367 37.30 -40.47 -4.35
CA SER C 367 36.55 -41.66 -4.72
C SER C 367 35.11 -41.53 -4.25
N TYR C 368 34.16 -41.73 -5.16
CA TYR C 368 32.77 -41.79 -4.77
C TYR C 368 32.11 -43.09 -5.21
N GLU D 1 -19.89 45.92 -32.14
CA GLU D 1 -20.74 45.36 -31.09
C GLU D 1 -21.35 44.02 -31.53
N TYR D 2 -20.69 43.37 -32.50
CA TYR D 2 -21.09 42.05 -32.99
C TYR D 2 -19.92 41.45 -33.76
N GLU D 3 -19.72 40.14 -33.64
CA GLU D 3 -18.60 39.44 -34.28
C GLU D 3 -19.03 38.07 -34.80
N VAL D 4 -18.47 37.68 -35.93
CA VAL D 4 -18.73 36.36 -36.54
C VAL D 4 -17.50 35.49 -36.24
N GLU D 5 -17.58 34.20 -36.60
CA GLU D 5 -16.36 33.39 -36.52
C GLU D 5 -16.49 32.04 -37.21
N LEU D 6 -15.32 31.51 -37.63
CA LEU D 6 -15.15 30.38 -38.54
C LEU D 6 -14.39 29.27 -37.81
N LYS D 7 -14.13 28.15 -38.48
CA LYS D 7 -13.34 27.04 -37.92
C LYS D 7 -12.62 26.26 -39.02
N LYS D 8 -11.77 25.31 -38.59
CA LYS D 8 -11.34 24.19 -39.44
C LYS D 8 -12.45 23.15 -39.65
N THR D 9 -13.61 23.32 -39.03
CA THR D 9 -14.80 22.51 -39.29
C THR D 9 -15.83 23.30 -40.07
N GLY D 10 -15.54 24.55 -40.40
CA GLY D 10 -16.30 25.35 -41.31
C GLY D 10 -17.48 26.04 -40.66
N GLN D 11 -17.97 25.49 -39.56
CA GLN D 11 -19.08 26.06 -38.79
C GLN D 11 -18.86 27.55 -38.53
N ILE D 12 -19.93 28.33 -38.51
CA ILE D 12 -19.77 29.77 -38.40
C ILE D 12 -21.01 30.30 -37.69
N PHE D 13 -20.80 31.21 -36.74
CA PHE D 13 -21.94 31.78 -36.00
C PHE D 13 -21.53 33.13 -35.42
N THR D 14 -22.45 33.74 -34.69
CA THR D 14 -22.38 35.14 -34.29
C THR D 14 -22.51 35.20 -32.79
N VAL D 15 -21.76 36.12 -32.17
CA VAL D 15 -21.81 36.37 -30.75
C VAL D 15 -22.68 37.60 -30.57
N SER D 16 -23.92 37.38 -30.13
CA SER D 16 -24.79 38.50 -29.78
C SER D 16 -24.11 39.34 -28.70
N PRO D 17 -24.42 40.65 -28.61
CA PRO D 17 -23.57 41.53 -27.80
C PRO D 17 -23.58 41.18 -26.32
N GLY D 18 -24.63 40.51 -25.82
CA GLY D 18 -24.71 40.16 -24.41
C GLY D 18 -23.98 38.89 -23.99
N SER D 19 -23.26 38.22 -24.89
CA SER D 19 -22.71 36.90 -24.61
C SER D 19 -21.19 36.92 -24.51
N THR D 20 -20.65 36.02 -23.67
CA THR D 20 -19.25 35.67 -23.77
C THR D 20 -19.01 34.86 -25.02
N LEU D 21 -17.84 35.05 -25.63
CA LEU D 21 -17.41 34.16 -26.69
C LEU D 21 -17.61 32.70 -26.29
N LEU D 22 -17.34 32.38 -25.03
CA LEU D 22 -17.52 31.02 -24.55
C LEU D 22 -18.99 30.60 -24.63
N GLN D 23 -19.90 31.45 -24.16
CA GLN D 23 -21.31 31.09 -24.17
C GLN D 23 -21.84 30.97 -25.60
N ALA D 24 -21.47 31.92 -26.46
CA ALA D 24 -21.74 31.78 -27.88
C ALA D 24 -21.33 30.41 -28.39
N CYS D 25 -20.08 30.02 -28.14
CA CYS D 25 -19.59 28.72 -28.60
C CYS D 25 -20.48 27.59 -28.11
N LEU D 26 -20.76 27.54 -26.81
CA LEU D 26 -21.56 26.44 -26.26
C LEU D 26 -22.97 26.45 -26.82
N ASP D 27 -23.57 27.64 -26.94
CA ASP D 27 -24.88 27.77 -27.55
C ASP D 27 -24.91 27.12 -28.94
N ASN D 28 -23.80 27.17 -29.66
CA ASN D 28 -23.66 26.56 -30.98
C ASN D 28 -22.93 25.22 -30.92
N ASP D 29 -23.02 24.53 -29.79
CA ASP D 29 -22.55 23.15 -29.66
C ASP D 29 -21.07 22.97 -30.02
N VAL D 30 -20.22 23.89 -29.58
CA VAL D 30 -18.78 23.68 -29.63
C VAL D 30 -18.35 23.16 -28.27
N ARG D 31 -17.83 21.95 -28.22
CA ARG D 31 -17.31 21.44 -26.96
C ARG D 31 -16.08 22.25 -26.59
N ILE D 32 -16.13 22.92 -25.44
CA ILE D 32 -14.98 23.74 -25.04
C ILE D 32 -14.97 23.88 -23.51
N GLU D 33 -13.90 23.36 -22.90
CA GLU D 33 -13.86 23.16 -21.46
C GLU D 33 -13.93 24.49 -20.69
N ALA D 34 -14.46 24.44 -19.47
CA ALA D 34 -14.53 25.63 -18.66
C ALA D 34 -14.55 25.23 -17.20
N SER D 35 -14.08 26.14 -16.36
CA SER D 35 -14.01 25.97 -14.91
C SER D 35 -14.04 27.36 -14.26
N CYS D 36 -12.89 27.94 -13.96
CA CYS D 36 -12.91 29.35 -13.59
C CYS D 36 -13.49 30.04 -14.78
N GLU D 37 -14.80 30.33 -14.78
CA GLU D 37 -15.35 31.13 -15.87
C GLU D 37 -15.01 32.62 -15.74
N GLN D 38 -14.01 32.94 -14.92
CA GLN D 38 -13.18 34.15 -14.99
C GLN D 38 -11.78 33.75 -15.44
N GLY D 39 -10.94 34.71 -15.80
CA GLY D 39 -9.88 34.31 -16.71
C GLY D 39 -8.60 33.74 -16.11
N VAL D 40 -8.67 32.70 -15.28
CA VAL D 40 -7.49 32.33 -14.52
C VAL D 40 -7.06 30.87 -14.64
N CYS D 41 -7.99 29.93 -14.69
CA CYS D 41 -7.55 28.53 -14.64
C CYS D 41 -6.88 28.13 -15.95
N GLY D 42 -7.40 28.62 -17.08
CA GLY D 42 -6.80 28.38 -18.38
C GLY D 42 -7.30 27.16 -19.13
N THR D 43 -8.32 26.46 -18.64
CA THR D 43 -8.68 25.24 -19.36
C THR D 43 -9.40 25.59 -20.65
N CYS D 44 -10.12 26.68 -20.68
CA CYS D 44 -10.77 27.09 -21.93
C CYS D 44 -9.80 27.65 -22.93
N ILE D 45 -8.48 27.53 -22.84
CA ILE D 45 -7.63 28.15 -23.84
C ILE D 45 -7.91 27.48 -25.17
N THR D 46 -8.09 28.28 -26.20
CA THR D 46 -8.35 27.80 -27.54
C THR D 46 -7.47 28.58 -28.50
N PRO D 47 -7.17 28.02 -29.65
CA PRO D 47 -6.19 28.63 -30.54
C PRO D 47 -6.82 29.47 -31.63
N VAL D 48 -6.12 30.49 -32.09
CA VAL D 48 -6.65 31.45 -33.05
C VAL D 48 -5.80 31.38 -34.31
N VAL D 49 -6.47 31.39 -35.47
CA VAL D 49 -5.80 31.54 -36.76
C VAL D 49 -5.74 33.01 -37.17
N SER D 50 -6.88 33.70 -37.18
CA SER D 50 -6.98 35.07 -37.64
C SER D 50 -7.81 35.88 -36.66
N GLY D 51 -7.76 37.19 -36.82
CA GLY D 51 -8.61 38.05 -36.03
C GLY D 51 -7.82 38.85 -35.02
N ASP D 52 -8.35 40.02 -34.66
CA ASP D 52 -7.71 40.95 -33.73
C ASP D 52 -8.42 40.86 -32.38
N LEU D 53 -7.64 40.77 -31.29
CA LEU D 53 -8.12 40.23 -30.02
C LEU D 53 -7.91 41.19 -28.86
N GLU D 54 -8.81 41.11 -27.89
CA GLU D 54 -8.68 41.78 -26.59
C GLU D 54 -8.67 40.74 -25.50
N HIS D 55 -7.63 40.76 -24.68
CA HIS D 55 -7.55 39.80 -23.59
C HIS D 55 -7.95 40.46 -22.30
N HIS D 56 -8.70 39.71 -21.46
CA HIS D 56 -9.09 40.10 -20.11
C HIS D 56 -8.75 39.00 -19.14
N ASP D 57 -7.89 38.07 -19.50
CA ASP D 57 -7.57 36.95 -18.64
C ASP D 57 -6.36 37.27 -17.78
N THR D 58 -6.08 36.37 -16.85
CA THR D 58 -4.90 36.39 -16.02
C THR D 58 -4.20 35.05 -16.11
N TYR D 59 -4.22 34.45 -17.29
CA TYR D 59 -3.52 33.20 -17.57
C TYR D 59 -2.46 33.35 -18.64
N LEU D 60 -2.72 34.12 -19.69
CA LEU D 60 -1.77 34.18 -20.80
C LEU D 60 -0.69 35.20 -20.53
N SER D 61 0.55 34.81 -20.83
CA SER D 61 1.69 35.69 -20.72
C SER D 61 1.57 36.84 -21.73
N LYS D 62 2.09 38.02 -21.35
CA LYS D 62 2.04 39.18 -22.24
C LYS D 62 2.46 38.82 -23.66
N LYS D 63 3.50 37.97 -23.81
CA LYS D 63 3.93 37.57 -25.15
C LYS D 63 2.90 36.67 -25.82
N GLU D 64 2.32 35.74 -25.07
CA GLU D 64 1.25 34.93 -25.64
C GLU D 64 0.08 35.81 -26.07
N ARG D 65 -0.30 36.79 -25.25
CA ARG D 65 -1.38 37.70 -25.63
C ARG D 65 -1.06 38.45 -26.91
N GLU D 66 0.20 38.87 -27.06
CA GLU D 66 0.65 39.60 -28.25
C GLU D 66 1.17 38.60 -29.27
N SER D 67 0.24 37.88 -29.88
CA SER D 67 0.65 36.93 -30.92
C SER D 67 -0.56 36.42 -31.68
N GLY D 68 -1.74 36.84 -31.24
CA GLY D 68 -3.00 36.42 -31.82
C GLY D 68 -3.12 34.93 -32.04
N LYS D 69 -2.37 34.13 -31.29
CA LYS D 69 -2.43 32.68 -31.48
C LYS D 69 -3.27 32.00 -30.40
N TRP D 70 -3.71 32.74 -29.36
CA TRP D 70 -4.50 32.18 -28.28
C TRP D 70 -5.53 33.18 -27.79
N ILE D 71 -6.57 32.66 -27.13
CA ILE D 71 -7.61 33.48 -26.54
C ILE D 71 -8.31 32.64 -25.48
N MET D 72 -8.75 33.30 -24.40
CA MET D 72 -9.54 32.68 -23.35
C MET D 72 -10.98 33.14 -23.52
N PRO D 73 -11.85 32.33 -24.12
CA PRO D 73 -13.18 32.82 -24.49
C PRO D 73 -14.08 33.15 -23.31
N CYS D 74 -13.77 32.68 -22.12
CA CYS D 74 -14.65 32.94 -20.99
C CYS D 74 -14.71 34.43 -20.64
N VAL D 75 -13.66 35.21 -20.97
CA VAL D 75 -13.59 36.58 -20.53
C VAL D 75 -13.08 37.50 -21.62
N SER D 76 -12.45 36.94 -22.66
CA SER D 76 -11.88 37.74 -23.73
C SER D 76 -12.84 37.83 -24.92
N ARG D 77 -12.57 38.79 -25.80
CA ARG D 77 -13.46 39.09 -26.93
C ARG D 77 -12.64 39.47 -28.16
N CYS D 78 -13.33 39.67 -29.29
CA CYS D 78 -12.72 40.07 -30.56
C CYS D 78 -13.25 41.44 -30.98
N LYS D 79 -12.34 42.44 -31.16
CA LYS D 79 -12.66 43.80 -31.62
C LYS D 79 -12.70 43.90 -33.11
N SER D 80 -12.00 43.00 -33.76
CA SER D 80 -12.18 42.84 -35.17
C SER D 80 -13.63 42.39 -35.38
N LYS D 81 -14.00 42.13 -36.63
CA LYS D 81 -15.36 41.75 -36.94
C LYS D 81 -15.51 40.25 -37.15
N LYS D 82 -14.45 39.60 -37.61
CA LYS D 82 -14.40 38.15 -37.70
C LYS D 82 -13.20 37.64 -36.89
N ILE D 83 -13.30 36.40 -36.44
CA ILE D 83 -12.21 35.70 -35.73
C ILE D 83 -12.30 34.22 -36.09
N VAL D 84 -11.18 33.60 -36.41
CA VAL D 84 -11.22 32.18 -36.77
C VAL D 84 -10.45 31.37 -35.74
N LEU D 85 -11.15 30.43 -35.10
CA LEU D 85 -10.56 29.53 -34.13
C LEU D 85 -10.25 28.20 -34.79
N ASP D 86 -9.08 27.67 -34.50
CA ASP D 86 -8.55 26.48 -35.17
C ASP D 86 -9.08 25.23 -34.46
N LEU D 87 -10.38 24.99 -34.65
CA LEU D 87 -11.09 23.89 -33.99
C LEU D 87 -12.08 23.15 -34.89
FE1 FES E . -11.70 23.00 -0.34
FE2 FES E . -9.96 24.99 -1.31
S1 FES E . -9.72 22.83 -1.20
S2 FES E . -11.91 25.15 -0.36
FE FE F . -22.83 -17.62 13.77
FE1 FES G . 29.63 -5.36 -1.61
FE2 FES G . 30.14 -8.29 -1.68
S1 FES G . 31.42 -6.57 -1.29
S2 FES G . 28.32 -7.09 -1.70
FE FE H . 0.13 26.94 5.35
FE1 FES I . -17.77 -26.07 5.72
FE2 FES I . -15.00 -26.46 5.97
S1 FES I . -16.67 -27.62 6.76
S2 FES I . -16.10 -24.75 5.22
FE FE J . 27.97 -15.62 7.74
FE1 FES K . -10.76 28.99 -16.79
FE2 FES K . -11.55 30.60 -19.23
S1 FES K . -12.44 28.90 -18.18
S2 FES K . -9.86 30.69 -17.81
O1 PG4 L . -2.87 24.18 -16.94
C1 PG4 L . -3.96 24.93 -17.43
C2 PG4 L . -4.68 24.18 -18.57
O2 PG4 L . -4.17 24.54 -19.84
C3 PG4 L . -4.03 23.51 -20.80
C4 PG4 L . -3.55 24.11 -22.11
O3 PG4 L . -2.56 23.33 -22.74
C5 PG4 L . -1.78 23.99 -23.72
C6 PG4 L . -1.63 25.49 -23.39
O4 PG4 L . -1.02 26.12 -24.48
C7 PG4 L . -0.80 27.51 -24.33
C8 PG4 L . 0.17 27.78 -23.15
O5 PG4 L . 0.16 29.15 -22.84
#